data_1W76
#
_entry.id   1W76
#
_cell.length_a   91.223
_cell.length_b   105.253
_cell.length_c   150.559
_cell.angle_alpha   90.00
_cell.angle_beta   90.00
_cell.angle_gamma   90.00
#
_symmetry.space_group_name_H-M   'P 21 21 21'
#
loop_
_entity.id
_entity.type
_entity.pdbx_description
1 polymer ACETYLCHOLINESTERASE
2 non-polymer 2-acetamido-2-deoxy-beta-D-glucopyranose
3 non-polymer (-)-GALANTHAMINE
4 water water
#
_entity_poly.entity_id   1
_entity_poly.type   'polypeptide(L)'
_entity_poly.pdbx_seq_one_letter_code
;DDHSELLVNTKSGKVMGTRVPVLSSHISAFLGIPFAEPPVGNMRFRRPEPKKPWSGVWNASTYPNNCQQYVDEQFPGFSG
SEMWNPNREMSEDCLYLNIWVPSPRPKSTTVMVWIYGGGFYSGSSTLDVYNGKYLAYTEEVVLVSLSYRVGAFGFLALHG
SQEAPGNVGLLDQRMALQWVHDNIQFFGGDPKTVTIFGESAGGASVGMHILSPGSRDLFRRAILQSGSPNCPWASVSVAE
GRRRAVELGRNLNCNLNSDEELIHCLREKKPQELIDVEWNVLPFDSIFRFSFVPVIDGEFFPTSLESMLNSGNFKKTQIL
LGVNKDEGSFFLLYGAPGFSKDSESKISREDFMSGVKLSVPHANDLGLDAVTLQYTDWMDDNNGIKNRDGLDDIVGDHNV
ICPLMHFVNKYTKFGNGTYLYFFNHRASNLVWPEWMGVIHGYEIEFVFGLPLVKELNYTAEEEALSRRIMHYWATFAKTG
NPNEPHSQESKWPLFTTKEQKFIDLNTEPMKVHQRLRVQMCVFWNQFLPKLLNATACDGELSS
;
_entity_poly.pdbx_strand_id   A,B
#
loop_
_chem_comp.id
_chem_comp.type
_chem_comp.name
_chem_comp.formula
GNT non-polymer (-)-GALANTHAMINE 'C17 H21 N O3'
NAG D-saccharide, beta linking 2-acetamido-2-deoxy-beta-D-glucopyranose 'C8 H15 N O6'
#
# COMPACT_ATOMS: atom_id res chain seq x y z
N SER A 4 42.90 48.81 -12.53
CA SER A 4 41.41 48.71 -12.41
C SER A 4 40.94 47.29 -12.06
N GLU A 5 40.19 47.21 -10.97
CA GLU A 5 39.64 45.96 -10.43
C GLU A 5 38.54 45.38 -11.32
N LEU A 6 37.82 46.26 -12.01
CA LEU A 6 36.72 45.89 -12.88
C LEU A 6 37.14 45.51 -14.28
N LEU A 7 38.41 45.75 -14.60
CA LEU A 7 38.88 45.45 -15.93
C LEU A 7 39.67 44.15 -15.83
N VAL A 8 39.12 43.09 -16.37
CA VAL A 8 39.81 41.82 -16.30
C VAL A 8 40.11 41.29 -17.70
N ASN A 9 41.28 40.67 -17.83
CA ASN A 9 41.70 40.12 -19.10
C ASN A 9 41.53 38.64 -19.05
N THR A 10 40.84 38.06 -20.03
CA THR A 10 40.64 36.61 -20.01
C THR A 10 41.18 36.03 -21.30
N LYS A 11 41.16 34.71 -21.43
CA LYS A 11 41.66 34.06 -22.64
C LYS A 11 40.89 34.37 -23.92
N SER A 12 39.73 34.98 -23.79
CA SER A 12 38.96 35.32 -24.99
C SER A 12 38.86 36.84 -25.17
N GLY A 13 39.45 37.61 -24.27
CA GLY A 13 39.35 39.03 -24.44
C GLY A 13 39.20 39.78 -23.15
N LYS A 14 39.34 41.10 -23.25
CA LYS A 14 39.22 41.96 -22.09
C LYS A 14 37.73 42.04 -21.78
N VAL A 15 37.47 42.25 -20.50
CA VAL A 15 36.14 42.34 -20.02
C VAL A 15 36.06 43.46 -18.98
N MET A 16 35.02 44.29 -19.06
CA MET A 16 34.85 45.39 -18.12
C MET A 16 33.59 45.23 -17.28
N GLY A 17 33.79 44.91 -16.00
CA GLY A 17 32.68 44.73 -15.10
C GLY A 17 32.22 46.04 -14.49
N THR A 18 31.36 45.94 -13.49
CA THR A 18 30.80 47.10 -12.83
C THR A 18 30.70 46.87 -11.36
N ARG A 19 30.90 47.94 -10.58
CA ARG A 19 30.82 47.86 -9.13
C ARG A 19 29.35 48.05 -8.75
N VAL A 20 28.80 47.14 -7.95
CA VAL A 20 27.42 47.28 -7.54
C VAL A 20 27.26 47.30 -6.01
N PRO A 21 26.17 47.90 -5.54
CA PRO A 21 25.90 47.98 -4.10
C PRO A 21 25.28 46.68 -3.57
N VAL A 22 25.67 46.32 -2.35
CA VAL A 22 25.17 45.13 -1.68
C VAL A 22 25.10 45.42 -0.19
N LEU A 23 23.88 45.48 0.35
CA LEU A 23 23.69 45.72 1.79
C LEU A 23 24.67 46.79 2.33
N SER A 24 24.66 47.96 1.71
CA SER A 24 25.54 49.04 2.12
C SER A 24 27.04 48.64 2.11
N SER A 25 27.51 48.38 0.90
CA SER A 25 28.88 48.01 0.59
C SER A 25 28.88 47.77 -0.91
N HIS A 26 29.91 47.15 -1.46
CA HIS A 26 29.92 46.90 -2.89
C HIS A 26 30.78 45.70 -3.30
N ILE A 27 30.57 45.22 -4.51
CA ILE A 27 31.35 44.14 -5.07
C ILE A 27 31.33 44.27 -6.58
N SER A 28 32.21 43.54 -7.25
CA SER A 28 32.29 43.59 -8.70
C SER A 28 31.33 42.57 -9.34
N ALA A 29 30.74 42.97 -10.45
CA ALA A 29 29.85 42.10 -11.18
C ALA A 29 30.26 42.10 -12.66
N PHE A 30 30.37 40.92 -13.25
CA PHE A 30 30.72 40.81 -14.67
C PHE A 30 29.54 40.09 -15.31
N LEU A 31 28.62 40.90 -15.83
CA LEU A 31 27.39 40.40 -16.40
C LEU A 31 27.47 40.27 -17.91
N GLY A 32 26.83 39.23 -18.44
CA GLY A 32 26.78 39.03 -19.88
C GLY A 32 28.06 38.68 -20.62
N ILE A 33 28.95 37.90 -20.00
CA ILE A 33 30.20 37.44 -20.63
C ILE A 33 29.90 36.24 -21.54
N PRO A 34 30.29 36.34 -22.82
CA PRO A 34 30.05 35.25 -23.79
C PRO A 34 30.95 34.07 -23.57
N PHE A 35 30.40 32.86 -23.62
CA PHE A 35 31.25 31.72 -23.45
C PHE A 35 31.22 30.78 -24.65
N ALA A 36 30.30 31.05 -25.56
CA ALA A 36 30.19 30.22 -26.76
C ALA A 36 29.85 31.12 -27.95
N GLU A 37 29.90 30.59 -29.17
CA GLU A 37 29.51 31.38 -30.35
C GLU A 37 27.99 31.37 -30.32
N PRO A 38 27.37 32.44 -30.80
CA PRO A 38 25.91 32.48 -30.79
C PRO A 38 25.41 31.32 -31.60
N PRO A 39 24.64 30.40 -30.97
CA PRO A 39 24.10 29.21 -31.67
C PRO A 39 22.95 29.57 -32.62
N VAL A 40 23.18 30.48 -33.57
CA VAL A 40 22.13 30.88 -34.50
C VAL A 40 22.33 30.36 -35.93
N GLY A 41 21.34 30.65 -36.77
CA GLY A 41 21.42 30.21 -38.15
C GLY A 41 21.63 28.73 -38.26
N ASN A 42 22.61 28.34 -39.06
CA ASN A 42 22.89 26.92 -39.27
C ASN A 42 23.40 26.26 -37.99
N MET A 43 23.61 27.07 -36.94
CA MET A 43 24.10 26.52 -35.68
C MET A 43 23.01 26.03 -34.74
N ARG A 44 21.78 26.47 -34.97
CA ARG A 44 20.67 26.04 -34.14
C ARG A 44 20.66 24.49 -34.10
N PHE A 45 20.58 23.93 -32.88
CA PHE A 45 20.56 22.48 -32.57
C PHE A 45 21.92 21.82 -32.51
N ARG A 46 22.95 22.53 -32.96
CA ARG A 46 24.31 21.99 -32.94
C ARG A 46 24.97 22.25 -31.58
N ARG A 47 25.98 21.42 -31.33
CA ARG A 47 26.79 21.51 -30.16
C ARG A 47 27.32 22.95 -30.08
N PRO A 48 27.60 23.44 -28.86
CA PRO A 48 28.10 24.80 -28.82
C PRO A 48 29.54 24.77 -29.34
N GLU A 49 29.97 25.94 -29.78
CA GLU A 49 31.29 26.17 -30.35
C GLU A 49 31.87 27.22 -29.47
N PRO A 50 33.16 27.10 -29.09
CA PRO A 50 33.75 28.11 -28.21
C PRO A 50 33.73 29.54 -28.77
N LYS A 51 33.49 30.50 -27.88
CA LYS A 51 33.43 31.88 -28.30
C LYS A 51 34.78 32.23 -28.97
N LYS A 52 34.74 32.90 -30.13
CA LYS A 52 35.99 33.28 -30.82
C LYS A 52 36.43 34.52 -30.08
N PRO A 53 37.73 34.64 -29.79
CA PRO A 53 38.38 35.74 -29.07
C PRO A 53 38.07 37.09 -29.68
N TRP A 54 37.90 38.10 -28.86
CA TRP A 54 37.58 39.42 -29.39
C TRP A 54 38.65 40.46 -29.05
N SER A 55 38.59 41.63 -29.70
CA SER A 55 39.55 42.68 -29.39
C SER A 55 38.82 43.76 -28.61
N GLY A 56 39.53 44.73 -28.10
CA GLY A 56 38.81 45.72 -27.34
C GLY A 56 38.30 45.12 -26.03
N VAL A 57 37.49 45.89 -25.32
CA VAL A 57 36.93 45.51 -24.04
C VAL A 57 35.45 45.21 -24.18
N TRP A 58 35.04 44.00 -23.80
CA TRP A 58 33.63 43.58 -23.82
C TRP A 58 32.96 44.29 -22.65
N ASN A 59 31.82 44.92 -22.90
CA ASN A 59 31.10 45.64 -21.84
C ASN A 59 30.33 44.55 -21.07
N ALA A 60 30.66 44.36 -19.79
CA ALA A 60 30.02 43.36 -18.93
C ALA A 60 29.36 44.06 -17.77
N SER A 61 28.59 45.10 -18.07
CA SER A 61 27.97 45.88 -17.01
C SER A 61 26.49 45.67 -16.93
N THR A 62 25.94 44.96 -17.91
CA THR A 62 24.52 44.66 -17.87
C THR A 62 24.20 43.18 -18.12
N TYR A 63 22.98 42.75 -17.78
CA TYR A 63 22.58 41.38 -17.97
C TYR A 63 22.43 41.06 -19.46
N PRO A 64 22.64 39.82 -19.86
CA PRO A 64 22.51 39.43 -21.27
C PRO A 64 21.06 39.09 -21.60
N ASN A 65 20.80 38.64 -22.83
CA ASN A 65 19.46 38.24 -23.25
C ASN A 65 19.11 36.88 -22.63
N ASN A 66 17.82 36.55 -22.54
CA ASN A 66 17.44 35.24 -22.00
C ASN A 66 17.19 34.40 -23.22
N CYS A 67 17.39 33.08 -23.11
CA CYS A 67 17.17 32.18 -24.23
C CYS A 67 15.68 32.13 -24.58
N GLN A 68 15.39 31.76 -25.81
CA GLN A 68 14.04 31.62 -26.33
C GLN A 68 13.33 30.51 -25.58
N GLN A 69 12.16 30.84 -25.02
CA GLN A 69 11.41 29.86 -24.23
C GLN A 69 9.91 30.21 -24.11
N TYR A 70 9.12 29.22 -23.78
CA TYR A 70 7.70 29.41 -23.53
C TYR A 70 7.58 30.42 -22.35
N VAL A 71 6.70 31.40 -22.48
CA VAL A 71 6.52 32.35 -21.38
C VAL A 71 5.16 32.09 -20.70
N ASP A 72 5.17 31.97 -19.38
CA ASP A 72 3.94 31.71 -18.66
C ASP A 72 3.18 33.00 -18.36
N GLU A 73 1.89 33.02 -18.65
CA GLU A 73 1.05 34.18 -18.32
C GLU A 73 -0.30 33.67 -17.85
N GLN A 74 -0.26 32.63 -17.03
CA GLN A 74 -1.46 32.08 -16.47
C GLN A 74 -1.92 33.14 -15.47
N PHE A 75 -0.96 33.79 -14.81
CA PHE A 75 -1.28 34.84 -13.85
C PHE A 75 -0.55 36.15 -14.14
N PRO A 76 -0.95 36.81 -15.23
CA PRO A 76 -0.39 38.08 -15.69
C PRO A 76 -0.24 39.09 -14.56
N GLY A 77 0.97 39.57 -14.34
CA GLY A 77 1.20 40.55 -13.29
C GLY A 77 1.51 39.98 -11.93
N PHE A 78 1.03 38.76 -11.67
CA PHE A 78 1.26 38.10 -10.39
C PHE A 78 2.75 37.85 -10.12
N SER A 79 3.24 38.31 -8.97
CA SER A 79 4.65 38.19 -8.69
C SER A 79 5.18 36.79 -8.45
N GLY A 80 4.27 35.89 -8.04
CA GLY A 80 4.67 34.53 -7.74
C GLY A 80 4.93 33.70 -8.98
N SER A 81 4.43 34.11 -10.15
CA SER A 81 4.68 33.35 -11.37
C SER A 81 5.66 34.14 -12.27
N GLU A 82 5.53 35.46 -12.27
CA GLU A 82 6.37 36.30 -13.09
C GLU A 82 7.85 36.29 -12.71
N MET A 83 8.15 36.01 -11.44
CA MET A 83 9.54 36.00 -10.97
C MET A 83 10.34 34.91 -11.65
N TRP A 84 9.69 34.08 -12.42
CA TRP A 84 10.34 32.96 -13.08
C TRP A 84 10.46 33.20 -14.57
N ASN A 85 9.71 34.17 -15.08
CA ASN A 85 9.73 34.52 -16.49
C ASN A 85 10.93 35.39 -16.85
N PRO A 86 11.31 35.37 -18.13
CA PRO A 86 12.39 36.15 -18.69
C PRO A 86 12.27 37.65 -18.32
N ASN A 87 13.27 38.23 -17.69
CA ASN A 87 13.20 39.66 -17.39
C ASN A 87 14.15 40.44 -18.31
N ARG A 88 14.47 39.90 -19.48
CA ARG A 88 15.34 40.56 -20.45
C ARG A 88 14.75 40.11 -21.74
N GLU A 89 15.19 40.73 -22.83
CA GLU A 89 14.67 40.30 -24.09
C GLU A 89 15.18 38.89 -24.37
N MET A 90 14.40 38.12 -25.12
CA MET A 90 14.76 36.76 -25.50
C MET A 90 15.44 36.68 -26.85
N SER A 91 16.51 35.91 -26.92
CA SER A 91 17.18 35.80 -28.18
C SER A 91 17.87 34.47 -28.27
N GLU A 92 18.06 33.97 -29.50
CA GLU A 92 18.78 32.72 -29.63
C GLU A 92 20.25 32.98 -29.27
N ASP A 93 20.66 34.26 -29.33
CA ASP A 93 22.00 34.67 -28.97
C ASP A 93 21.87 34.88 -27.45
N CYS A 94 21.99 33.78 -26.73
CA CYS A 94 21.82 33.83 -25.26
C CYS A 94 22.89 33.09 -24.44
N LEU A 95 23.93 32.53 -25.09
CA LEU A 95 24.96 31.82 -24.32
C LEU A 95 25.98 32.71 -23.63
N TYR A 96 25.59 33.20 -22.45
CA TYR A 96 26.44 34.07 -21.66
C TYR A 96 26.47 33.63 -20.19
N LEU A 97 27.39 34.21 -19.43
CA LEU A 97 27.52 33.86 -18.04
C LEU A 97 27.75 35.16 -17.24
N ASN A 98 27.51 35.09 -15.93
CA ASN A 98 27.64 36.23 -15.03
C ASN A 98 28.50 35.81 -13.83
N ILE A 99 29.30 36.77 -13.35
CA ILE A 99 30.20 36.54 -12.20
C ILE A 99 30.13 37.70 -11.15
N TRP A 100 30.06 37.35 -9.87
CA TRP A 100 30.08 38.36 -8.81
C TRP A 100 31.36 38.02 -8.07
N VAL A 101 32.21 39.02 -7.90
CA VAL A 101 33.48 38.81 -7.24
C VAL A 101 33.57 39.76 -6.04
N PRO A 102 33.93 39.21 -4.86
CA PRO A 102 34.05 40.02 -3.64
C PRO A 102 35.08 41.14 -3.86
N SER A 103 34.86 42.27 -3.20
CA SER A 103 35.75 43.43 -3.32
C SER A 103 36.32 43.75 -1.94
N PRO A 104 37.66 43.78 -1.83
CA PRO A 104 38.65 43.55 -2.88
C PRO A 104 38.78 42.08 -3.37
N ARG A 105 39.24 41.91 -4.61
CA ARG A 105 39.41 40.62 -5.25
C ARG A 105 40.22 39.55 -4.51
N PRO A 106 39.59 38.42 -4.18
CA PRO A 106 40.24 37.32 -3.48
C PRO A 106 41.45 36.84 -4.28
N LYS A 107 42.37 36.16 -3.61
CA LYS A 107 43.55 35.66 -4.30
C LYS A 107 43.14 34.39 -5.03
N SER A 108 42.55 33.45 -4.31
CA SER A 108 42.13 32.20 -4.92
C SER A 108 41.03 31.54 -4.08
N THR A 109 39.85 32.17 -4.07
CA THR A 109 38.75 31.68 -3.28
C THR A 109 37.79 30.69 -3.97
N THR A 110 36.94 30.09 -3.13
CA THR A 110 35.95 29.11 -3.53
C THR A 110 34.96 29.65 -4.56
N VAL A 111 34.72 28.83 -5.59
CA VAL A 111 33.81 29.19 -6.69
C VAL A 111 32.50 28.39 -6.67
N MET A 112 31.38 29.08 -6.88
CA MET A 112 30.10 28.37 -6.95
C MET A 112 29.44 28.71 -8.29
N VAL A 113 29.05 27.70 -9.05
CA VAL A 113 28.39 27.92 -10.32
C VAL A 113 26.92 27.54 -10.27
N TRP A 114 26.06 28.53 -10.44
CA TRP A 114 24.63 28.29 -10.42
C TRP A 114 24.07 27.80 -11.76
N ILE A 115 23.26 26.76 -11.74
CA ILE A 115 22.63 26.31 -12.97
C ILE A 115 21.11 26.39 -12.81
N TYR A 116 20.45 27.35 -13.44
CA TYR A 116 18.99 27.48 -13.29
C TYR A 116 18.13 26.28 -13.76
N GLY A 117 16.94 26.13 -13.20
CA GLY A 117 16.06 25.05 -13.67
C GLY A 117 14.94 25.66 -14.51
N GLY A 118 13.83 24.94 -14.64
CA GLY A 118 12.72 25.44 -15.43
C GLY A 118 12.28 24.33 -16.39
N GLY A 119 12.47 23.08 -15.92
CA GLY A 119 12.09 21.87 -16.67
C GLY A 119 12.73 21.61 -18.01
N PHE A 120 13.90 22.22 -18.26
CA PHE A 120 14.63 22.14 -19.54
C PHE A 120 13.93 22.85 -20.69
N TYR A 121 12.80 23.52 -20.42
CA TYR A 121 12.10 24.27 -21.47
C TYR A 121 12.07 25.76 -21.14
N SER A 122 12.65 26.15 -20.02
CA SER A 122 12.64 27.53 -19.64
C SER A 122 13.67 27.84 -18.58
N GLY A 123 13.78 29.10 -18.25
CA GLY A 123 14.75 29.52 -17.27
C GLY A 123 15.68 30.64 -17.75
N SER A 124 16.15 31.46 -16.82
CA SER A 124 17.05 32.55 -17.13
C SER A 124 18.05 32.69 -15.98
N SER A 125 19.22 33.21 -16.29
CA SER A 125 20.24 33.40 -15.26
C SER A 125 20.08 34.80 -14.62
N THR A 126 19.26 35.62 -15.24
CA THR A 126 19.10 37.02 -14.79
C THR A 126 17.94 37.34 -13.82
N LEU A 127 17.25 36.32 -13.32
CA LEU A 127 16.12 36.52 -12.43
C LEU A 127 16.49 37.20 -11.12
N ASP A 128 15.57 37.98 -10.57
CA ASP A 128 15.86 38.62 -9.29
C ASP A 128 16.28 37.61 -8.24
N VAL A 129 15.66 36.42 -8.18
CA VAL A 129 16.05 35.43 -7.17
C VAL A 129 17.44 34.82 -7.34
N TYR A 130 18.06 35.00 -8.49
CA TYR A 130 19.38 34.40 -8.67
C TYR A 130 20.44 35.47 -8.64
N ASN A 131 20.09 36.66 -8.15
CA ASN A 131 21.06 37.75 -8.04
C ASN A 131 22.18 37.19 -7.17
N GLY A 132 23.39 37.11 -7.68
CA GLY A 132 24.42 36.50 -6.86
C GLY A 132 25.27 37.36 -5.95
N LYS A 133 25.00 38.67 -5.85
CA LYS A 133 25.83 39.57 -5.02
C LYS A 133 25.79 39.31 -3.51
N TYR A 134 24.61 38.99 -2.98
CA TYR A 134 24.48 38.74 -1.56
C TYR A 134 25.34 37.58 -1.12
N LEU A 135 25.32 36.49 -1.88
CA LEU A 135 26.08 35.31 -1.52
C LEU A 135 27.59 35.49 -1.76
N ALA A 136 27.95 36.04 -2.91
CA ALA A 136 29.38 36.25 -3.19
C ALA A 136 29.93 37.12 -2.07
N TYR A 137 29.17 38.16 -1.74
CA TYR A 137 29.54 39.09 -0.69
C TYR A 137 29.63 38.47 0.72
N THR A 138 28.50 37.96 1.17
CA THR A 138 28.42 37.40 2.51
C THR A 138 29.34 36.24 2.80
N GLU A 139 29.46 35.28 1.88
CA GLU A 139 30.32 34.11 2.11
C GLU A 139 31.68 34.19 1.50
N GLU A 140 32.01 35.34 0.91
CA GLU A 140 33.33 35.49 0.33
C GLU A 140 33.61 34.46 -0.77
N VAL A 141 32.68 34.26 -1.69
CA VAL A 141 32.89 33.30 -2.77
C VAL A 141 32.77 34.04 -4.09
N VAL A 142 33.35 33.47 -5.14
CA VAL A 142 33.20 34.06 -6.47
C VAL A 142 31.98 33.30 -6.99
N LEU A 143 30.90 34.02 -7.30
CA LEU A 143 29.69 33.37 -7.79
C LEU A 143 29.40 33.55 -9.26
N VAL A 144 29.24 32.42 -9.94
CA VAL A 144 28.97 32.40 -11.38
C VAL A 144 27.58 31.80 -11.72
N SER A 145 26.80 32.47 -12.58
CA SER A 145 25.52 31.88 -13.06
C SER A 145 25.72 31.70 -14.58
N LEU A 146 25.54 30.47 -15.09
CA LEU A 146 25.70 30.29 -16.53
C LEU A 146 24.31 30.23 -17.19
N SER A 147 24.26 29.93 -18.47
CA SER A 147 22.98 29.78 -19.13
C SER A 147 23.12 28.60 -20.09
N TYR A 148 22.00 28.15 -20.59
CA TYR A 148 21.99 27.06 -21.53
C TYR A 148 20.70 27.14 -22.34
N ARG A 149 20.74 26.64 -23.56
CA ARG A 149 19.57 26.62 -24.41
C ARG A 149 18.58 25.63 -23.77
N VAL A 150 17.29 25.95 -23.89
CA VAL A 150 16.25 25.10 -23.37
C VAL A 150 15.27 24.88 -24.50
N GLY A 151 14.26 24.08 -24.25
CA GLY A 151 13.26 23.78 -25.26
C GLY A 151 13.90 23.05 -26.42
N ALA A 152 13.24 23.06 -27.59
CA ALA A 152 13.81 22.35 -28.77
C ALA A 152 15.22 22.88 -29.09
N PHE A 153 15.43 24.16 -28.88
CA PHE A 153 16.71 24.74 -29.15
C PHE A 153 17.89 24.03 -28.48
N GLY A 154 17.67 23.51 -27.27
CA GLY A 154 18.76 22.86 -26.56
C GLY A 154 18.68 21.36 -26.45
N PHE A 155 17.51 20.78 -26.75
CA PHE A 155 17.34 19.33 -26.61
C PHE A 155 16.69 18.54 -27.72
N LEU A 156 16.40 19.19 -28.84
CA LEU A 156 15.85 18.47 -30.00
C LEU A 156 16.89 17.40 -30.29
N ALA A 157 16.48 16.14 -30.30
CA ALA A 157 17.46 15.08 -30.55
C ALA A 157 17.11 14.13 -31.71
N LEU A 158 18.05 14.05 -32.65
CA LEU A 158 17.90 13.15 -33.81
C LEU A 158 19.23 12.42 -33.78
N HIS A 159 19.31 11.47 -32.86
CA HIS A 159 20.51 10.68 -32.65
C HIS A 159 20.96 10.05 -33.96
N GLY A 160 22.26 10.14 -34.20
CA GLY A 160 22.85 9.68 -35.43
C GLY A 160 23.34 10.97 -36.07
N SER A 161 22.42 11.91 -36.26
CA SER A 161 22.72 13.23 -36.85
C SER A 161 23.86 13.90 -36.08
N GLN A 162 24.55 14.84 -36.70
CA GLN A 162 25.59 15.55 -35.98
C GLN A 162 25.20 17.01 -36.07
N GLU A 163 24.05 17.24 -36.72
CA GLU A 163 23.50 18.56 -36.89
C GLU A 163 22.53 18.87 -35.77
N ALA A 164 21.95 17.82 -35.19
CA ALA A 164 21.01 17.96 -34.07
C ALA A 164 21.12 16.68 -33.26
N PRO A 165 22.30 16.45 -32.64
CA PRO A 165 22.61 15.28 -31.82
C PRO A 165 21.87 15.13 -30.52
N GLY A 166 21.25 16.21 -30.07
CA GLY A 166 20.58 16.19 -28.79
C GLY A 166 21.56 16.55 -27.68
N ASN A 167 21.04 16.91 -26.51
CA ASN A 167 21.88 17.26 -25.38
C ASN A 167 22.73 18.48 -25.53
N VAL A 168 22.45 19.35 -26.48
CA VAL A 168 23.31 20.49 -26.64
C VAL A 168 23.22 21.49 -25.50
N GLY A 169 22.06 21.54 -24.83
CA GLY A 169 21.91 22.43 -23.69
C GLY A 169 22.82 21.97 -22.54
N LEU A 170 23.05 20.66 -22.45
CA LEU A 170 23.93 20.15 -21.39
C LEU A 170 25.37 20.52 -21.79
N LEU A 171 25.65 20.47 -23.09
CA LEU A 171 26.97 20.79 -23.56
C LEU A 171 27.17 22.29 -23.40
N ASP A 172 26.12 23.11 -23.48
CA ASP A 172 26.34 24.53 -23.29
C ASP A 172 26.80 24.68 -21.81
N GLN A 173 26.12 24.01 -20.90
CA GLN A 173 26.47 24.12 -19.51
C GLN A 173 27.93 23.71 -19.34
N ARG A 174 28.34 22.61 -20.00
CA ARG A 174 29.70 22.13 -19.92
C ARG A 174 30.69 23.15 -20.52
N MET A 175 30.28 23.86 -21.57
CA MET A 175 31.20 24.86 -22.13
C MET A 175 31.41 26.01 -21.17
N ALA A 176 30.37 26.35 -20.45
CA ALA A 176 30.45 27.43 -19.47
C ALA A 176 31.35 26.92 -18.31
N LEU A 177 31.24 25.64 -17.95
CA LEU A 177 32.08 25.10 -16.89
C LEU A 177 33.55 25.10 -17.31
N GLN A 178 33.79 24.78 -18.60
CA GLN A 178 35.11 24.75 -19.15
C GLN A 178 35.72 26.13 -19.12
N TRP A 179 34.90 27.13 -19.44
CA TRP A 179 35.30 28.52 -19.42
C TRP A 179 35.68 28.97 -17.97
N VAL A 180 34.99 28.42 -16.96
CA VAL A 180 35.29 28.77 -15.57
C VAL A 180 36.70 28.20 -15.24
N HIS A 181 36.88 26.95 -15.66
CA HIS A 181 38.12 26.21 -15.47
C HIS A 181 39.36 26.94 -15.99
N ASP A 182 39.20 27.55 -17.17
CA ASP A 182 40.23 28.28 -17.88
C ASP A 182 40.34 29.73 -17.46
N ASN A 183 39.27 30.32 -16.98
CA ASN A 183 39.36 31.74 -16.71
C ASN A 183 39.08 32.19 -15.30
N ILE A 184 38.28 31.44 -14.55
CA ILE A 184 37.92 31.92 -13.22
C ILE A 184 39.10 32.40 -12.37
N GLN A 185 40.29 31.84 -12.58
CA GLN A 185 41.45 32.27 -11.80
C GLN A 185 41.74 33.76 -11.90
N PHE A 186 41.40 34.37 -13.04
CA PHE A 186 41.68 35.81 -13.24
C PHE A 186 40.69 36.69 -12.50
N PHE A 187 39.68 36.06 -11.91
CA PHE A 187 38.66 36.82 -11.18
C PHE A 187 38.81 36.65 -9.66
N GLY A 188 39.81 35.87 -9.26
CA GLY A 188 40.05 35.62 -7.85
C GLY A 188 39.58 34.22 -7.46
N GLY A 189 39.05 33.47 -8.43
CA GLY A 189 38.55 32.13 -8.16
C GLY A 189 39.53 30.99 -8.28
N ASP A 190 39.33 29.95 -7.47
CA ASP A 190 40.19 28.79 -7.52
C ASP A 190 39.57 27.73 -8.44
N PRO A 191 40.13 27.57 -9.66
CA PRO A 191 39.56 26.56 -10.57
C PRO A 191 39.53 25.18 -9.99
N LYS A 192 40.33 24.92 -8.94
CA LYS A 192 40.34 23.59 -8.34
C LYS A 192 39.28 23.40 -7.24
N THR A 193 38.60 24.47 -6.85
CA THR A 193 37.57 24.39 -5.81
C THR A 193 36.17 24.94 -6.28
N VAL A 194 35.66 24.36 -7.36
CA VAL A 194 34.36 24.81 -7.82
C VAL A 194 33.24 23.82 -7.58
N THR A 195 32.14 24.38 -7.12
CA THR A 195 30.95 23.63 -6.83
C THR A 195 29.88 24.05 -7.79
N ILE A 196 29.31 23.07 -8.48
CA ILE A 196 28.23 23.39 -9.38
C ILE A 196 26.94 23.22 -8.58
N PHE A 197 25.96 24.10 -8.74
CA PHE A 197 24.73 23.87 -7.98
C PHE A 197 23.58 24.41 -8.72
N GLY A 198 22.44 23.73 -8.57
CA GLY A 198 21.27 24.19 -9.28
C GLY A 198 20.02 23.59 -8.75
N GLU A 199 18.89 24.19 -9.14
CA GLU A 199 17.63 23.68 -8.64
C GLU A 199 16.68 23.14 -9.72
N SER A 200 15.94 22.08 -9.34
CA SER A 200 14.97 21.37 -10.19
C SER A 200 15.67 20.85 -11.48
N ALA A 201 15.33 21.36 -12.67
CA ALA A 201 16.04 20.89 -13.88
C ALA A 201 17.53 21.19 -13.74
N GLY A 202 17.87 22.25 -13.00
CA GLY A 202 19.28 22.58 -12.75
C GLY A 202 19.96 21.59 -11.80
N GLY A 203 19.15 21.04 -10.89
CA GLY A 203 19.61 20.04 -9.92
C GLY A 203 19.72 18.72 -10.69
N ALA A 204 18.79 18.43 -11.58
CA ALA A 204 18.94 17.22 -12.42
C ALA A 204 20.23 17.42 -13.25
N SER A 205 20.50 18.66 -13.72
CA SER A 205 21.71 18.96 -14.53
C SER A 205 23.05 18.69 -13.81
N VAL A 206 23.14 19.21 -12.58
CA VAL A 206 24.31 19.04 -11.76
C VAL A 206 24.52 17.51 -11.66
N GLY A 207 23.44 16.76 -11.47
CA GLY A 207 23.64 15.33 -11.32
C GLY A 207 24.11 14.66 -12.61
N MET A 208 23.67 15.22 -13.74
CA MET A 208 24.05 14.66 -15.03
C MET A 208 25.52 14.93 -15.31
N HIS A 209 26.04 16.03 -14.79
CA HIS A 209 27.44 16.32 -14.98
C HIS A 209 28.30 15.40 -14.11
N ILE A 210 27.73 14.92 -12.98
CA ILE A 210 28.40 13.98 -12.08
C ILE A 210 28.53 12.63 -12.83
N LEU A 211 27.49 12.27 -13.55
CA LEU A 211 27.55 11.02 -14.30
C LEU A 211 28.46 11.11 -15.55
N SER A 212 28.22 12.10 -16.38
CA SER A 212 28.97 12.25 -17.63
C SER A 212 30.47 12.37 -17.53
N PRO A 213 31.22 11.39 -18.11
CA PRO A 213 32.70 11.31 -18.14
C PRO A 213 33.33 12.62 -18.60
N GLY A 214 32.72 13.23 -19.62
CA GLY A 214 33.20 14.50 -20.14
C GLY A 214 32.95 15.74 -19.32
N SER A 215 32.26 15.65 -18.18
CA SER A 215 32.02 16.86 -17.37
C SER A 215 32.73 16.78 -16.04
N ARG A 216 32.99 15.54 -15.62
CA ARG A 216 33.58 15.23 -14.31
C ARG A 216 34.76 16.07 -13.85
N ASP A 217 35.65 16.37 -14.79
CA ASP A 217 36.82 17.11 -14.40
C ASP A 217 36.69 18.62 -14.37
N LEU A 218 35.46 19.10 -14.57
CA LEU A 218 35.22 20.54 -14.60
C LEU A 218 34.72 21.15 -13.32
N PHE A 219 34.68 20.34 -12.26
CA PHE A 219 34.24 20.81 -10.96
C PHE A 219 34.66 19.80 -9.91
N ARG A 220 34.73 20.32 -8.68
CA ARG A 220 35.14 19.63 -7.47
C ARG A 220 34.01 18.92 -6.70
N ARG A 221 32.93 19.68 -6.38
CA ARG A 221 31.77 19.17 -5.60
C ARG A 221 30.42 19.60 -6.26
N ALA A 222 29.32 19.02 -5.79
CA ALA A 222 28.01 19.29 -6.35
C ALA A 222 26.86 19.44 -5.30
N ILE A 223 25.94 20.38 -5.55
CA ILE A 223 24.77 20.59 -4.69
C ILE A 223 23.54 20.47 -5.57
N LEU A 224 22.61 19.61 -5.17
CA LEU A 224 21.40 19.36 -5.93
C LEU A 224 20.16 19.72 -5.14
N GLN A 225 19.45 20.77 -5.57
CA GLN A 225 18.23 21.22 -4.91
C GLN A 225 16.96 20.84 -5.66
N SER A 226 16.17 19.96 -5.04
CA SER A 226 14.90 19.48 -5.58
C SER A 226 14.93 18.91 -7.01
N GLY A 227 15.91 18.06 -7.32
CA GLY A 227 15.99 17.44 -8.62
C GLY A 227 17.19 16.50 -8.60
N SER A 228 17.18 15.47 -9.42
CA SER A 228 18.32 14.60 -9.46
C SER A 228 18.33 14.09 -10.92
N PRO A 229 19.44 13.58 -11.38
CA PRO A 229 19.53 13.09 -12.78
C PRO A 229 18.46 12.11 -13.26
N ASN A 230 18.10 11.17 -12.39
CA ASN A 230 17.11 10.13 -12.68
C ASN A 230 15.64 10.52 -12.56
N CYS A 231 15.30 11.80 -12.50
CA CYS A 231 13.88 12.14 -12.42
C CYS A 231 13.12 11.65 -13.66
N PRO A 232 11.88 11.17 -13.48
CA PRO A 232 11.12 10.68 -14.64
C PRO A 232 10.93 11.66 -15.80
N TRP A 233 10.80 12.94 -15.48
CA TRP A 233 10.67 13.99 -16.49
C TRP A 233 12.04 14.58 -16.93
N ALA A 234 13.15 14.06 -16.42
CA ALA A 234 14.44 14.67 -16.75
C ALA A 234 15.25 14.13 -17.96
N SER A 235 14.79 13.05 -18.58
CA SER A 235 15.47 12.48 -19.74
C SER A 235 14.52 11.54 -20.49
N VAL A 236 14.87 11.20 -21.73
CA VAL A 236 14.10 10.25 -22.59
C VAL A 236 15.10 9.37 -23.35
N SER A 237 14.59 8.36 -24.05
CA SER A 237 15.47 7.45 -24.83
C SER A 237 15.70 8.11 -26.20
N VAL A 238 16.65 7.59 -26.97
CA VAL A 238 16.89 8.16 -28.29
C VAL A 238 15.65 8.02 -29.16
N ALA A 239 14.97 6.90 -29.05
CA ALA A 239 13.75 6.68 -29.83
C ALA A 239 12.68 7.75 -29.53
N GLU A 240 12.38 7.94 -28.23
CA GLU A 240 11.40 8.94 -27.83
C GLU A 240 11.90 10.30 -28.30
N GLY A 241 13.22 10.49 -28.22
CA GLY A 241 13.79 11.77 -28.63
C GLY A 241 13.49 12.04 -30.10
N ARG A 242 13.75 11.01 -30.92
CA ARG A 242 13.50 11.08 -32.35
C ARG A 242 11.99 11.22 -32.64
N ARG A 243 11.19 10.40 -31.96
CA ARG A 243 9.76 10.44 -32.16
C ARG A 243 9.27 11.89 -32.02
N ARG A 244 9.60 12.52 -30.88
CA ARG A 244 9.19 13.90 -30.61
C ARG A 244 9.79 14.89 -31.60
N ALA A 245 11.01 14.62 -32.06
CA ALA A 245 11.63 15.53 -33.05
C ALA A 245 10.83 15.50 -34.35
N VAL A 246 10.51 14.29 -34.81
CA VAL A 246 9.72 14.17 -36.04
C VAL A 246 8.35 14.81 -35.79
N GLU A 247 7.73 14.48 -34.66
CA GLU A 247 6.43 15.09 -34.44
C GLU A 247 6.47 16.63 -34.41
N LEU A 248 7.61 17.23 -34.05
CA LEU A 248 7.69 18.70 -34.04
C LEU A 248 7.66 19.20 -35.49
N GLY A 249 8.30 18.45 -36.38
CA GLY A 249 8.30 18.83 -37.77
C GLY A 249 6.91 18.73 -38.38
N ARG A 250 6.23 17.64 -38.07
CA ARG A 250 4.89 17.38 -38.56
C ARG A 250 3.97 18.57 -38.28
N ASN A 251 3.87 19.00 -37.01
CA ASN A 251 3.03 20.15 -36.64
C ASN A 251 3.39 21.39 -37.43
N LEU A 252 4.57 21.40 -38.04
CA LEU A 252 5.01 22.57 -38.79
C LEU A 252 5.16 22.32 -40.30
N ASN A 253 4.56 21.23 -40.77
CA ASN A 253 4.61 20.82 -42.18
C ASN A 253 6.04 20.79 -42.68
N CYS A 254 6.82 19.82 -42.25
CA CYS A 254 8.20 19.75 -42.73
C CYS A 254 8.41 18.46 -43.51
N ASN A 255 9.35 18.50 -44.45
CA ASN A 255 9.68 17.31 -45.21
C ASN A 255 10.18 16.40 -44.09
N LEU A 256 9.76 15.15 -44.07
CA LEU A 256 10.23 14.24 -43.05
C LEU A 256 11.00 13.10 -43.68
N ASN A 257 11.33 13.22 -44.98
CA ASN A 257 12.02 12.08 -45.72
C ASN A 257 13.33 11.75 -44.98
N SER A 258 14.04 12.80 -44.56
CA SER A 258 15.29 12.65 -43.80
C SER A 258 15.62 13.78 -42.77
N ASP A 259 16.47 13.44 -41.78
CA ASP A 259 16.89 14.37 -40.74
C ASP A 259 17.36 15.73 -41.25
N GLU A 260 18.14 15.72 -42.34
CA GLU A 260 18.65 16.96 -42.90
C GLU A 260 17.49 17.80 -43.41
N GLU A 261 16.53 17.14 -44.06
CA GLU A 261 15.37 17.82 -44.60
C GLU A 261 14.67 18.48 -43.43
N LEU A 262 14.41 17.66 -42.39
CA LEU A 262 13.72 18.10 -41.16
C LEU A 262 14.44 19.23 -40.44
N ILE A 263 15.71 19.00 -40.11
CA ILE A 263 16.51 20.00 -39.41
C ILE A 263 16.55 21.34 -40.15
N HIS A 264 16.78 21.27 -41.46
CA HIS A 264 16.83 22.48 -42.31
C HIS A 264 15.49 23.24 -42.24
N CYS A 265 14.39 22.49 -42.21
CA CYS A 265 13.06 23.09 -42.09
C CYS A 265 12.92 23.71 -40.70
N LEU A 266 13.34 22.95 -39.69
CA LEU A 266 13.30 23.40 -38.31
C LEU A 266 14.14 24.63 -38.16
N ARG A 267 15.25 24.71 -38.92
CA ARG A 267 16.10 25.89 -38.88
C ARG A 267 15.56 27.07 -39.66
N GLU A 268 14.45 26.94 -40.38
CA GLU A 268 13.95 28.11 -41.12
C GLU A 268 12.87 28.84 -40.31
N LYS A 269 12.21 28.09 -39.44
CA LYS A 269 11.15 28.65 -38.61
C LYS A 269 11.66 29.65 -37.59
N LYS A 270 10.95 30.74 -37.40
CA LYS A 270 11.41 31.66 -36.39
C LYS A 270 11.20 31.02 -34.99
N PRO A 271 11.90 31.54 -33.98
CA PRO A 271 11.80 31.03 -32.62
C PRO A 271 10.43 30.73 -32.05
N GLN A 272 9.58 31.74 -32.07
CA GLN A 272 8.22 31.62 -31.55
C GLN A 272 7.41 30.53 -32.21
N GLU A 273 7.73 30.20 -33.46
CA GLU A 273 6.98 29.18 -34.16
C GLU A 273 7.19 27.81 -33.57
N LEU A 274 8.42 27.56 -33.13
CA LEU A 274 8.76 26.28 -32.54
C LEU A 274 8.11 26.25 -31.15
N ILE A 275 8.26 27.35 -30.43
CA ILE A 275 7.67 27.40 -29.12
C ILE A 275 6.16 27.20 -29.19
N ASP A 276 5.50 27.91 -30.08
CA ASP A 276 4.04 27.79 -30.21
C ASP A 276 3.55 26.35 -30.33
N VAL A 277 4.38 25.43 -30.82
CA VAL A 277 3.88 24.06 -30.91
C VAL A 277 4.69 23.03 -30.12
N GLU A 278 5.54 23.54 -29.22
CA GLU A 278 6.40 22.71 -28.36
C GLU A 278 5.65 21.66 -27.54
N TRP A 279 4.53 22.07 -26.97
CA TRP A 279 3.77 21.17 -26.11
C TRP A 279 3.02 20.08 -26.86
N ASN A 280 2.73 20.34 -28.13
CA ASN A 280 1.99 19.40 -28.97
C ASN A 280 2.67 18.09 -29.30
N VAL A 281 3.81 17.79 -28.71
CA VAL A 281 4.46 16.53 -29.06
C VAL A 281 4.48 15.55 -27.92
N LEU A 282 4.00 15.96 -26.75
CA LEU A 282 4.00 15.07 -25.58
C LEU A 282 2.99 13.92 -25.72
N PRO A 283 3.42 12.68 -25.39
CA PRO A 283 2.54 11.51 -25.47
C PRO A 283 1.37 11.60 -24.49
N PHE A 290 7.59 17.40 -19.86
CA PHE A 290 8.22 18.42 -20.73
C PHE A 290 8.79 17.85 -22.04
N SER A 291 8.48 18.53 -23.13
CA SER A 291 8.86 18.06 -24.45
C SER A 291 10.31 17.69 -24.78
N PHE A 292 11.23 18.65 -24.71
CA PHE A 292 12.60 18.33 -25.05
C PHE A 292 13.52 18.42 -23.87
N VAL A 293 14.07 17.27 -23.50
CA VAL A 293 14.95 17.13 -22.35
C VAL A 293 16.16 16.25 -22.78
N PRO A 294 17.13 16.07 -21.89
CA PRO A 294 18.32 15.26 -22.15
C PRO A 294 18.03 13.88 -22.73
N VAL A 295 18.93 13.33 -23.57
CA VAL A 295 18.74 11.98 -24.12
C VAL A 295 19.85 11.06 -23.67
N ILE A 296 19.47 9.80 -23.39
CA ILE A 296 20.39 8.76 -22.99
C ILE A 296 20.87 8.27 -24.37
N ASP A 297 21.95 8.92 -24.78
CA ASP A 297 22.59 8.79 -26.07
C ASP A 297 23.81 7.86 -26.23
N GLY A 298 24.41 7.44 -25.13
CA GLY A 298 25.59 6.61 -25.24
C GLY A 298 26.87 7.45 -25.27
N GLU A 299 26.74 8.76 -25.44
CA GLU A 299 27.91 9.62 -25.51
C GLU A 299 28.02 10.50 -24.26
N PHE A 300 27.10 11.45 -24.11
CA PHE A 300 27.16 12.29 -22.92
C PHE A 300 26.94 11.35 -21.72
N PHE A 301 26.03 10.39 -21.87
CA PHE A 301 25.78 9.38 -20.84
C PHE A 301 26.20 8.05 -21.51
N PRO A 302 27.30 7.41 -21.08
CA PRO A 302 27.66 6.14 -21.76
C PRO A 302 26.59 5.05 -21.71
N THR A 303 25.96 4.81 -20.55
CA THR A 303 24.90 3.80 -20.46
C THR A 303 23.68 4.39 -19.75
N SER A 304 22.74 3.52 -19.40
CA SER A 304 21.52 3.93 -18.70
C SER A 304 21.86 4.64 -17.39
N LEU A 305 21.02 5.56 -16.93
CA LEU A 305 21.35 6.21 -15.65
C LEU A 305 21.45 5.22 -14.49
N GLU A 306 20.54 4.23 -14.48
CA GLU A 306 20.51 3.19 -13.46
C GLU A 306 21.78 2.36 -13.49
N SER A 307 22.17 1.86 -14.67
CA SER A 307 23.37 1.03 -14.72
C SER A 307 24.62 1.81 -14.36
N MET A 308 24.67 3.09 -14.70
CA MET A 308 25.81 3.90 -14.31
C MET A 308 25.81 4.04 -12.76
N LEU A 309 24.64 4.24 -12.16
CA LEU A 309 24.59 4.37 -10.70
C LEU A 309 24.93 3.05 -9.96
N ASN A 310 24.58 1.89 -10.51
CA ASN A 310 24.93 0.64 -9.82
C ASN A 310 26.43 0.36 -9.94
N SER A 311 26.97 0.48 -11.15
CA SER A 311 28.41 0.26 -11.35
C SER A 311 29.34 1.30 -10.76
N GLY A 312 28.79 2.42 -10.27
CA GLY A 312 29.64 3.48 -9.73
C GLY A 312 30.40 4.25 -10.83
N ASN A 313 29.83 4.25 -12.04
CA ASN A 313 30.39 4.91 -13.22
C ASN A 313 30.02 6.37 -13.12
N PHE A 314 30.70 7.10 -12.23
CA PHE A 314 30.38 8.50 -12.08
C PHE A 314 31.38 9.17 -11.16
N LYS A 315 31.42 10.50 -11.15
CA LYS A 315 32.36 11.20 -10.29
C LYS A 315 32.16 10.86 -8.81
N LYS A 316 33.27 10.55 -8.13
CA LYS A 316 33.27 10.22 -6.72
C LYS A 316 33.68 11.46 -5.95
N THR A 317 32.78 12.07 -5.18
CA THR A 317 33.13 13.27 -4.41
C THR A 317 32.11 13.55 -3.29
N GLN A 318 32.03 14.77 -2.77
CA GLN A 318 31.02 15.07 -1.77
C GLN A 318 29.79 15.69 -2.48
N ILE A 319 28.59 15.47 -1.95
CA ILE A 319 27.36 16.06 -2.49
C ILE A 319 26.46 16.48 -1.33
N LEU A 320 25.80 17.61 -1.50
CA LEU A 320 24.90 18.16 -0.49
C LEU A 320 23.60 18.32 -1.29
N LEU A 321 22.52 17.70 -0.83
CA LEU A 321 21.31 17.78 -1.63
C LEU A 321 20.06 17.63 -0.78
N GLY A 322 18.91 17.96 -1.37
CA GLY A 322 17.66 17.80 -0.66
C GLY A 322 16.45 18.30 -1.40
N VAL A 323 15.31 18.22 -0.71
CA VAL A 323 13.98 18.60 -1.20
C VAL A 323 13.18 19.52 -0.27
N ASN A 324 12.11 20.07 -0.80
CA ASN A 324 11.19 20.93 -0.07
C ASN A 324 9.94 20.09 0.32
N LYS A 325 9.22 20.54 1.35
CA LYS A 325 8.06 19.81 1.87
C LYS A 325 6.94 19.57 0.86
N ASP A 326 6.59 20.61 0.11
CA ASP A 326 5.50 20.46 -0.87
C ASP A 326 5.98 20.63 -2.32
N GLU A 327 6.76 19.66 -2.80
CA GLU A 327 7.29 19.72 -4.17
C GLU A 327 6.19 19.75 -5.24
N GLY A 328 5.05 19.13 -4.99
CA GLY A 328 3.99 19.09 -6.00
C GLY A 328 2.83 20.08 -6.19
N SER A 329 2.61 21.01 -5.26
CA SER A 329 1.49 21.92 -5.33
C SER A 329 1.49 22.85 -6.54
N PHE A 330 2.65 23.36 -6.90
CA PHE A 330 2.83 24.22 -8.05
C PHE A 330 2.30 23.58 -9.36
N PHE A 331 2.65 22.33 -9.61
CA PHE A 331 2.16 21.67 -10.84
C PHE A 331 0.67 21.29 -10.71
N LEU A 332 0.14 21.20 -9.48
CA LEU A 332 -1.27 20.85 -9.38
C LEU A 332 -2.07 22.11 -9.69
N LEU A 333 -1.60 23.24 -9.20
CA LEU A 333 -2.24 24.52 -9.47
C LEU A 333 -2.36 24.72 -10.99
N TYR A 334 -1.26 24.49 -11.70
CA TYR A 334 -1.19 24.63 -13.15
C TYR A 334 -1.83 23.55 -14.01
N GLY A 335 -1.80 22.28 -13.64
CA GLY A 335 -2.41 21.30 -14.55
C GLY A 335 -3.49 20.35 -14.05
N ALA A 336 -3.97 20.48 -12.82
CA ALA A 336 -4.96 19.51 -12.34
C ALA A 336 -6.31 20.10 -12.02
N PRO A 337 -7.38 19.31 -12.28
CA PRO A 337 -8.77 19.74 -12.04
C PRO A 337 -9.09 19.95 -10.58
N GLY A 338 -9.72 21.07 -10.26
CA GLY A 338 -10.10 21.39 -8.89
C GLY A 338 -9.18 22.32 -8.10
N PHE A 339 -8.02 22.68 -8.66
CA PHE A 339 -7.08 23.58 -7.98
C PHE A 339 -7.20 25.05 -8.41
N SER A 340 -7.03 25.96 -7.45
CA SER A 340 -7.07 27.40 -7.70
C SER A 340 -6.15 28.15 -6.73
N LYS A 341 -5.64 29.28 -7.20
CA LYS A 341 -4.72 30.15 -6.44
C LYS A 341 -5.46 31.02 -5.41
N ASP A 342 -6.74 31.22 -5.63
CA ASP A 342 -7.57 32.05 -4.73
C ASP A 342 -8.54 31.27 -3.83
N SER A 343 -8.46 29.95 -3.92
CA SER A 343 -9.30 29.03 -3.17
C SER A 343 -8.42 28.15 -2.27
N GLU A 344 -9.05 27.46 -1.32
CA GLU A 344 -8.38 26.55 -0.40
C GLU A 344 -8.13 25.23 -1.22
N SER A 345 -8.80 25.14 -2.38
CA SER A 345 -8.67 24.03 -3.32
C SER A 345 -9.00 22.62 -2.78
N LYS A 346 -10.20 22.45 -2.25
CA LYS A 346 -10.58 21.13 -1.76
C LYS A 346 -10.82 20.30 -2.99
N ILE A 347 -10.34 19.07 -2.95
CA ILE A 347 -10.45 18.22 -4.13
C ILE A 347 -11.46 17.11 -3.97
N SER A 348 -12.42 17.09 -4.88
CA SER A 348 -13.46 16.07 -4.86
C SER A 348 -12.78 14.74 -5.11
N ARG A 349 -13.56 13.67 -5.00
CA ARG A 349 -13.04 12.32 -5.18
C ARG A 349 -12.86 12.05 -6.65
N GLU A 350 -13.73 12.64 -7.45
CA GLU A 350 -13.69 12.46 -8.90
C GLU A 350 -12.42 13.14 -9.42
N ASP A 351 -12.10 14.31 -8.86
CA ASP A 351 -10.93 15.02 -9.31
C ASP A 351 -9.66 14.37 -8.81
N PHE A 352 -9.70 13.82 -7.59
CA PHE A 352 -8.51 13.16 -7.06
C PHE A 352 -8.18 12.00 -7.98
N MET A 353 -9.19 11.27 -8.38
CA MET A 353 -8.98 10.15 -9.27
C MET A 353 -8.28 10.61 -10.54
N SER A 354 -8.92 11.52 -11.28
CA SER A 354 -8.34 11.97 -12.54
C SER A 354 -6.97 12.62 -12.32
N GLY A 355 -6.80 13.22 -11.15
CA GLY A 355 -5.53 13.81 -10.81
C GLY A 355 -4.41 12.77 -10.68
N VAL A 356 -4.67 11.54 -10.22
CA VAL A 356 -3.56 10.59 -10.14
C VAL A 356 -3.26 10.06 -11.53
N LYS A 357 -4.30 9.91 -12.34
CA LYS A 357 -4.19 9.42 -13.70
C LYS A 357 -3.20 10.32 -14.44
N LEU A 358 -3.30 11.62 -14.18
CA LEU A 358 -2.44 12.62 -14.79
C LEU A 358 -1.01 12.65 -14.21
N SER A 359 -0.90 12.40 -12.89
CA SER A 359 0.36 12.42 -12.19
C SER A 359 1.27 11.28 -12.53
N VAL A 360 0.69 10.15 -12.90
CA VAL A 360 1.50 9.00 -13.21
C VAL A 360 1.08 8.58 -14.59
N PRO A 361 1.39 9.43 -15.59
CA PRO A 361 1.05 9.25 -17.01
C PRO A 361 1.47 7.93 -17.65
N HIS A 362 2.61 7.41 -17.24
CA HIS A 362 3.15 6.16 -17.75
C HIS A 362 2.58 4.82 -17.20
N ALA A 363 1.73 4.88 -16.16
CA ALA A 363 1.19 3.67 -15.55
C ALA A 363 -0.07 3.10 -16.16
N ASN A 364 -0.21 1.78 -16.05
CA ASN A 364 -1.43 1.12 -16.53
C ASN A 364 -2.51 1.26 -15.43
N ASP A 365 -3.63 0.56 -15.59
CA ASP A 365 -4.72 0.63 -14.62
C ASP A 365 -4.34 0.04 -13.25
N LEU A 366 -3.52 -1.00 -13.26
CA LEU A 366 -3.10 -1.63 -12.03
C LEU A 366 -2.19 -0.68 -11.24
N GLY A 367 -1.31 0.01 -11.96
CA GLY A 367 -0.42 0.95 -11.34
C GLY A 367 -1.20 2.09 -10.75
N LEU A 368 -2.23 2.52 -11.48
CA LEU A 368 -3.05 3.60 -11.00
C LEU A 368 -3.81 3.22 -9.73
N ASP A 369 -4.35 2.01 -9.70
CA ASP A 369 -5.08 1.55 -8.52
C ASP A 369 -4.13 1.54 -7.33
N ALA A 370 -2.91 1.06 -7.60
CA ALA A 370 -1.83 1.00 -6.64
C ALA A 370 -1.56 2.38 -6.04
N VAL A 371 -1.34 3.37 -6.90
CA VAL A 371 -1.07 4.71 -6.41
C VAL A 371 -2.27 5.23 -5.57
N THR A 372 -3.47 5.07 -6.12
CA THR A 372 -4.68 5.51 -5.43
C THR A 372 -4.81 4.93 -4.03
N LEU A 373 -4.69 3.61 -3.95
CA LEU A 373 -4.77 2.95 -2.67
C LEU A 373 -3.71 3.47 -1.70
N GLN A 374 -2.49 3.61 -2.21
CA GLN A 374 -1.37 4.01 -1.39
C GLN A 374 -1.52 5.41 -0.82
N TYR A 375 -2.44 6.18 -1.39
CA TYR A 375 -2.60 7.56 -0.96
C TYR A 375 -4.05 7.94 -0.59
N THR A 376 -4.89 6.94 -0.34
CA THR A 376 -6.26 7.23 0.07
C THR A 376 -6.50 6.74 1.49
N ASP A 377 -7.05 7.60 2.34
CA ASP A 377 -7.44 7.21 3.72
C ASP A 377 -8.86 6.64 3.47
N TRP A 378 -9.03 5.33 3.52
CA TRP A 378 -10.36 4.77 3.24
C TRP A 378 -11.44 4.96 4.28
N MET A 379 -11.09 5.57 5.41
CA MET A 379 -12.13 5.86 6.34
C MET A 379 -12.58 7.33 6.21
N ASP A 380 -12.02 8.03 5.23
CA ASP A 380 -12.37 9.43 5.01
C ASP A 380 -11.98 9.78 3.56
N ASP A 381 -12.38 8.92 2.62
CA ASP A 381 -12.01 9.16 1.21
C ASP A 381 -12.59 10.42 0.55
N ASN A 382 -13.65 10.99 1.13
CA ASN A 382 -14.22 12.18 0.53
C ASN A 382 -13.75 13.45 1.20
N ASN A 383 -12.76 13.36 2.07
CA ASN A 383 -12.28 14.57 2.71
C ASN A 383 -11.53 15.34 1.59
N GLY A 384 -11.99 16.55 1.28
CA GLY A 384 -11.40 17.36 0.21
C GLY A 384 -9.96 17.80 0.44
N ILE A 385 -9.64 18.11 1.68
CA ILE A 385 -8.32 18.51 2.03
C ILE A 385 -7.35 17.32 1.98
N LYS A 386 -7.78 16.13 2.43
CA LYS A 386 -6.87 14.98 2.40
C LYS A 386 -6.60 14.62 0.97
N ASN A 387 -7.58 14.82 0.09
CA ASN A 387 -7.39 14.55 -1.33
C ASN A 387 -6.38 15.57 -1.95
N ARG A 388 -6.53 16.85 -1.64
CA ARG A 388 -5.62 17.85 -2.17
C ARG A 388 -4.18 17.47 -1.80
N ASP A 389 -3.94 17.28 -0.49
CA ASP A 389 -2.63 16.93 0.05
C ASP A 389 -2.01 15.62 -0.42
N GLY A 390 -2.88 14.65 -0.69
CA GLY A 390 -2.43 13.36 -1.17
C GLY A 390 -1.95 13.49 -2.60
N LEU A 391 -2.65 14.29 -3.41
CA LEU A 391 -2.28 14.52 -4.80
C LEU A 391 -0.98 15.35 -4.78
N ASP A 392 -0.86 16.26 -3.82
CA ASP A 392 0.31 17.06 -3.70
C ASP A 392 1.51 16.14 -3.44
N ASP A 393 1.34 15.23 -2.48
CA ASP A 393 2.41 14.31 -2.16
C ASP A 393 2.66 13.34 -3.30
N ILE A 394 1.62 12.93 -4.01
CA ILE A 394 1.86 12.04 -5.14
C ILE A 394 2.76 12.69 -6.17
N VAL A 395 2.48 13.94 -6.53
CA VAL A 395 3.28 14.59 -7.52
C VAL A 395 4.68 14.83 -7.00
N GLY A 396 4.76 15.31 -5.77
CA GLY A 396 6.04 15.56 -5.18
C GLY A 396 6.90 14.35 -4.92
N ASP A 397 6.28 13.25 -4.52
CA ASP A 397 7.05 12.03 -4.25
C ASP A 397 7.53 11.35 -5.56
N HIS A 398 6.63 11.24 -6.53
CA HIS A 398 6.96 10.59 -7.81
C HIS A 398 7.99 11.37 -8.69
N ASN A 399 7.86 12.70 -8.76
CA ASN A 399 8.77 13.48 -9.59
C ASN A 399 10.01 14.06 -8.95
N VAL A 400 9.98 14.32 -7.64
CA VAL A 400 11.14 14.94 -7.01
C VAL A 400 11.84 14.15 -5.91
N ILE A 401 11.15 14.00 -4.78
CA ILE A 401 11.66 13.35 -3.60
C ILE A 401 12.14 11.91 -3.71
N CYS A 402 11.30 11.03 -4.17
CA CYS A 402 11.75 9.65 -4.27
C CYS A 402 12.84 9.52 -5.33
N PRO A 403 12.68 10.18 -6.50
CA PRO A 403 13.81 10.01 -7.46
C PRO A 403 15.10 10.43 -6.78
N LEU A 404 15.04 11.53 -6.03
CA LEU A 404 16.25 12.00 -5.37
C LEU A 404 16.77 11.02 -4.31
N MET A 405 15.87 10.41 -3.52
CA MET A 405 16.30 9.48 -2.50
C MET A 405 16.94 8.26 -3.13
N HIS A 406 16.43 7.84 -4.26
CA HIS A 406 17.01 6.72 -4.96
C HIS A 406 18.45 7.16 -5.34
N PHE A 407 18.58 8.37 -5.90
CA PHE A 407 19.90 8.87 -6.30
C PHE A 407 20.82 8.86 -5.10
N VAL A 408 20.37 9.46 -4.01
CA VAL A 408 21.13 9.59 -2.78
C VAL A 408 21.60 8.22 -2.27
N ASN A 409 20.70 7.25 -2.24
CA ASN A 409 21.11 5.94 -1.76
C ASN A 409 22.11 5.30 -2.71
N LYS A 410 21.95 5.47 -4.02
CA LYS A 410 22.87 4.85 -4.97
C LYS A 410 24.25 5.52 -4.96
N TYR A 411 24.27 6.83 -4.78
CA TYR A 411 25.49 7.59 -4.76
C TYR A 411 26.35 7.38 -3.49
N THR A 412 25.70 7.34 -2.34
CA THR A 412 26.39 7.19 -1.07
C THR A 412 27.21 5.88 -1.02
N LYS A 413 26.77 4.88 -1.78
CA LYS A 413 27.50 3.60 -1.85
C LYS A 413 28.94 3.80 -2.34
N PHE A 414 29.15 4.74 -3.27
CA PHE A 414 30.47 5.02 -3.85
C PHE A 414 31.03 6.39 -3.61
N GLY A 415 30.20 7.31 -3.14
CA GLY A 415 30.65 8.70 -2.94
C GLY A 415 31.62 8.90 -1.82
N ASN A 416 31.99 10.15 -1.56
CA ASN A 416 32.94 10.49 -0.51
C ASN A 416 32.35 11.41 0.56
N GLY A 417 31.03 11.43 0.69
CA GLY A 417 30.36 12.29 1.66
C GLY A 417 29.01 12.82 1.19
N THR A 418 27.93 12.44 1.87
CA THR A 418 26.59 12.89 1.50
C THR A 418 25.93 13.70 2.60
N TYR A 419 25.44 14.89 2.28
CA TYR A 419 24.72 15.72 3.24
C TYR A 419 23.31 15.97 2.71
N LEU A 420 22.31 15.37 3.34
CA LEU A 420 20.91 15.47 2.97
C LEU A 420 20.05 16.45 3.78
N TYR A 421 19.16 17.19 3.12
CA TYR A 421 18.28 18.15 3.80
C TYR A 421 16.84 18.05 3.32
N PHE A 422 15.96 18.51 4.20
CA PHE A 422 14.52 18.57 3.96
C PHE A 422 14.16 19.97 4.37
N PHE A 423 13.85 20.81 3.39
CA PHE A 423 13.50 22.19 3.63
C PHE A 423 11.99 22.34 3.77
N ASN A 424 11.55 22.72 4.98
CA ASN A 424 10.12 22.87 5.24
C ASN A 424 9.70 24.17 5.87
N HIS A 425 10.35 25.25 5.48
CA HIS A 425 9.98 26.54 6.01
C HIS A 425 9.17 27.26 4.97
N ARG A 426 8.03 27.77 5.38
CA ARG A 426 7.11 28.51 4.54
C ARG A 426 7.33 30.01 4.75
N ALA A 427 7.99 30.68 3.81
CA ALA A 427 8.27 32.12 3.91
C ALA A 427 7.08 32.90 4.48
N SER A 428 7.37 33.83 5.39
CA SER A 428 6.32 34.64 6.03
C SER A 428 5.67 35.58 5.01
N ASN A 429 6.41 35.91 3.96
CA ASN A 429 5.90 36.80 2.93
C ASN A 429 5.49 36.13 1.63
N LEU A 430 5.16 34.84 1.65
CA LEU A 430 4.80 34.15 0.39
C LEU A 430 3.53 34.71 -0.27
N VAL A 431 3.62 35.05 -1.54
CA VAL A 431 2.43 35.59 -2.19
C VAL A 431 1.52 34.51 -2.69
N TRP A 432 1.98 33.25 -2.68
CA TRP A 432 1.15 32.13 -3.11
C TRP A 432 0.33 31.67 -1.88
N PRO A 433 -0.87 31.09 -2.14
CA PRO A 433 -1.76 30.61 -1.08
C PRO A 433 -1.14 29.53 -0.20
N GLU A 434 -1.54 29.61 1.07
CA GLU A 434 -1.13 28.75 2.17
C GLU A 434 -1.31 27.25 1.91
N TRP A 435 -2.34 26.85 1.16
CA TRP A 435 -2.48 25.43 0.96
C TRP A 435 -1.31 24.87 0.18
N MET A 436 -0.60 25.73 -0.55
CA MET A 436 0.49 25.18 -1.36
C MET A 436 1.71 24.90 -0.53
N GLY A 437 1.73 25.39 0.71
CA GLY A 437 2.84 25.11 1.60
C GLY A 437 4.21 25.61 1.20
N VAL A 438 5.24 24.80 1.38
CA VAL A 438 6.64 25.11 1.05
C VAL A 438 6.91 24.61 -0.40
N ILE A 439 6.63 25.48 -1.35
CA ILE A 439 6.74 25.26 -2.78
C ILE A 439 8.08 25.02 -3.46
N HIS A 440 7.96 24.32 -4.59
CA HIS A 440 9.03 23.97 -5.50
C HIS A 440 9.70 25.30 -5.86
N GLY A 441 11.01 25.38 -5.68
CA GLY A 441 11.68 26.62 -6.02
C GLY A 441 11.81 27.64 -4.92
N TYR A 442 10.97 27.58 -3.88
CA TYR A 442 11.05 28.61 -2.87
C TYR A 442 12.14 28.56 -1.80
N GLU A 443 13.06 27.61 -1.88
CA GLU A 443 14.14 27.63 -0.92
C GLU A 443 15.25 28.44 -1.59
N ILE A 444 15.08 28.77 -2.85
CA ILE A 444 16.13 29.53 -3.57
C ILE A 444 16.37 30.94 -3.02
N GLU A 445 15.31 31.68 -2.77
CA GLU A 445 15.48 33.00 -2.22
C GLU A 445 16.38 32.94 -0.93
N PHE A 446 16.33 31.81 -0.21
CA PHE A 446 17.14 31.67 1.00
C PHE A 446 18.61 31.36 0.68
N VAL A 447 18.80 30.41 -0.25
CA VAL A 447 20.13 30.03 -0.69
C VAL A 447 20.81 31.28 -1.25
N PHE A 448 20.08 32.15 -1.93
CA PHE A 448 20.70 33.34 -2.48
C PHE A 448 20.71 34.57 -1.56
N GLY A 449 20.26 34.39 -0.32
CA GLY A 449 20.27 35.50 0.63
C GLY A 449 19.27 36.63 0.49
N LEU A 450 18.18 36.47 -0.25
CA LEU A 450 17.24 37.57 -0.37
C LEU A 450 16.66 37.93 1.00
N PRO A 451 16.70 36.99 1.98
CA PRO A 451 16.14 37.39 3.28
C PRO A 451 17.03 38.41 4.02
N LEU A 452 18.18 38.75 3.42
CA LEU A 452 19.06 39.74 4.04
C LEU A 452 18.71 41.18 3.66
N VAL A 453 17.89 41.37 2.64
CA VAL A 453 17.52 42.72 2.21
C VAL A 453 16.21 43.15 2.83
N LYS A 454 16.30 44.15 3.71
CA LYS A 454 15.13 44.64 4.46
C LYS A 454 13.84 44.98 3.71
N GLU A 455 13.91 45.72 2.61
CA GLU A 455 12.68 46.06 1.88
C GLU A 455 11.91 44.82 1.43
N LEU A 456 12.57 43.67 1.48
CA LEU A 456 11.93 42.45 1.04
C LEU A 456 10.95 41.88 2.06
N ASN A 457 10.94 42.48 3.24
CA ASN A 457 10.00 42.15 4.29
C ASN A 457 9.89 40.70 4.77
N TYR A 458 11.03 40.07 5.01
CA TYR A 458 11.05 38.73 5.57
C TYR A 458 11.19 38.97 7.09
N THR A 459 11.09 37.92 7.88
CA THR A 459 11.25 38.10 9.32
C THR A 459 12.74 37.96 9.61
N ALA A 460 13.15 38.29 10.83
CA ALA A 460 14.55 38.20 11.18
C ALA A 460 15.05 36.78 11.40
N GLU A 461 14.15 35.84 11.69
CA GLU A 461 14.59 34.45 11.89
C GLU A 461 14.68 33.75 10.53
N GLU A 462 14.30 34.50 9.49
CA GLU A 462 14.39 34.02 8.11
C GLU A 462 15.76 34.52 7.61
N GLU A 463 16.09 35.77 7.95
CA GLU A 463 17.38 36.33 7.59
C GLU A 463 18.42 35.43 8.23
N ALA A 464 18.12 34.96 9.43
CA ALA A 464 19.05 34.10 10.14
C ALA A 464 19.12 32.76 9.41
N LEU A 465 17.95 32.18 9.11
CA LEU A 465 17.89 30.87 8.41
C LEU A 465 18.75 30.95 7.15
N SER A 466 18.46 31.94 6.33
CA SER A 466 19.21 32.22 5.13
C SER A 466 20.73 32.25 5.39
N ARG A 467 21.14 32.98 6.41
CA ARG A 467 22.55 33.07 6.69
C ARG A 467 23.15 31.72 6.99
N ARG A 468 22.43 30.85 7.69
CA ARG A 468 23.07 29.57 7.94
C ARG A 468 23.01 28.69 6.71
N ILE A 469 21.97 28.85 5.87
CA ILE A 469 21.88 28.03 4.66
C ILE A 469 23.08 28.37 3.77
N MET A 470 23.23 29.66 3.50
CA MET A 470 24.33 30.18 2.74
C MET A 470 25.65 29.69 3.31
N HIS A 471 25.83 29.85 4.63
CA HIS A 471 27.10 29.45 5.23
C HIS A 471 27.34 27.98 5.06
N TYR A 472 26.30 27.16 5.20
CA TYR A 472 26.38 25.72 4.99
C TYR A 472 26.80 25.42 3.52
N TRP A 473 26.18 26.16 2.60
CA TRP A 473 26.42 25.96 1.16
C TRP A 473 27.87 26.29 0.80
N ALA A 474 28.30 27.49 1.20
CA ALA A 474 29.65 27.97 0.94
C ALA A 474 30.70 27.13 1.65
N THR A 475 30.47 26.80 2.92
CA THR A 475 31.41 25.98 3.69
C THR A 475 31.55 24.61 3.04
N PHE A 476 30.42 24.05 2.65
CA PHE A 476 30.44 22.78 1.97
C PHE A 476 31.22 22.99 0.65
N ALA A 477 30.98 24.08 -0.05
CA ALA A 477 31.69 24.28 -1.31
C ALA A 477 33.21 24.34 -1.08
N LYS A 478 33.64 25.00 -0.02
CA LYS A 478 35.08 25.08 0.22
C LYS A 478 35.73 23.81 0.78
N THR A 479 34.99 23.03 1.57
CA THR A 479 35.59 21.87 2.23
C THR A 479 34.98 20.49 2.04
N GLY A 480 33.77 20.42 1.51
CA GLY A 480 33.12 19.13 1.33
C GLY A 480 32.32 18.73 2.56
N ASN A 481 32.18 19.70 3.47
CA ASN A 481 31.46 19.53 4.73
C ASN A 481 30.83 20.86 5.07
N PRO A 482 29.48 20.91 5.25
CA PRO A 482 28.73 22.14 5.57
C PRO A 482 28.92 22.71 6.99
N ASN A 483 29.56 21.92 7.85
CA ASN A 483 29.81 22.31 9.25
C ASN A 483 31.24 22.84 9.43
N GLU A 484 31.41 24.00 10.09
CA GLU A 484 32.76 24.46 10.38
C GLU A 484 33.21 23.59 11.57
N PRO A 485 34.42 23.02 11.53
CA PRO A 485 34.89 22.16 12.64
C PRO A 485 34.72 22.73 14.08
N SER A 490 26.10 22.96 16.50
CA SER A 490 24.96 22.10 16.15
C SER A 490 25.31 21.47 14.79
N LYS A 491 25.54 20.15 14.75
CA LYS A 491 25.99 19.54 13.51
C LYS A 491 25.11 18.72 12.57
N TRP A 492 25.33 18.96 11.28
CA TRP A 492 24.60 18.29 10.21
C TRP A 492 25.30 16.97 10.02
N PRO A 493 24.64 15.86 10.35
CA PRO A 493 25.38 14.61 10.14
C PRO A 493 25.44 14.18 8.69
N LEU A 494 26.46 13.39 8.40
CA LEU A 494 26.68 12.79 7.09
C LEU A 494 25.53 11.80 6.93
N PHE A 495 25.11 11.55 5.68
CA PHE A 495 24.08 10.59 5.40
C PHE A 495 24.82 9.29 5.05
N THR A 496 24.49 8.19 5.72
CA THR A 496 25.18 6.95 5.43
C THR A 496 24.17 5.88 5.00
N THR A 497 24.57 4.90 4.20
CA THR A 497 23.54 3.95 3.82
C THR A 497 22.98 3.21 5.03
N LYS A 498 23.69 3.32 6.15
CA LYS A 498 23.20 2.67 7.38
C LYS A 498 22.18 3.55 8.09
N GLU A 499 22.64 4.62 8.72
CA GLU A 499 21.76 5.48 9.49
C GLU A 499 20.79 6.37 8.70
N GLN A 500 21.14 6.66 7.43
CA GLN A 500 20.30 7.48 6.54
C GLN A 500 19.78 8.80 7.15
N LYS A 501 20.65 9.47 7.92
CA LYS A 501 20.36 10.72 8.60
C LYS A 501 20.31 11.94 7.67
N PHE A 502 19.46 12.90 8.05
CA PHE A 502 19.28 14.15 7.32
C PHE A 502 18.78 15.17 8.33
N ILE A 503 18.78 16.44 7.98
CA ILE A 503 18.32 17.46 8.91
C ILE A 503 17.14 18.20 8.28
N ASP A 504 16.39 18.94 9.12
CA ASP A 504 15.31 19.76 8.65
C ASP A 504 16.00 21.09 8.51
N LEU A 505 15.48 21.92 7.61
CA LEU A 505 16.01 23.23 7.37
C LEU A 505 14.84 24.16 7.55
N ASN A 506 14.80 24.78 8.74
CA ASN A 506 13.75 25.73 9.11
C ASN A 506 14.27 26.66 10.18
N THR A 507 13.38 27.51 10.68
CA THR A 507 13.73 28.49 11.71
C THR A 507 13.96 27.90 13.09
N GLU A 508 13.32 26.79 13.40
CA GLU A 508 13.49 26.14 14.71
C GLU A 508 14.91 25.54 14.81
N PRO A 509 15.29 25.01 15.98
CA PRO A 509 16.63 24.41 16.10
C PRO A 509 16.77 23.10 15.28
N MET A 510 17.91 22.92 14.64
CA MET A 510 18.16 21.74 13.80
C MET A 510 17.84 20.38 14.42
N LYS A 511 16.92 19.65 13.81
CA LYS A 511 16.56 18.31 14.29
C LYS A 511 17.14 17.32 13.31
N VAL A 512 17.59 16.15 13.77
CA VAL A 512 18.15 15.14 12.85
C VAL A 512 17.13 14.02 12.71
N HIS A 513 16.84 13.62 11.46
CA HIS A 513 15.87 12.57 11.23
C HIS A 513 16.57 11.51 10.42
N GLN A 514 15.83 10.44 10.16
CA GLN A 514 16.37 9.35 9.39
C GLN A 514 15.35 8.81 8.42
N ARG A 515 15.82 8.31 7.28
CA ARG A 515 14.98 7.72 6.26
C ARG A 515 13.87 8.64 5.74
N LEU A 516 14.25 9.74 5.06
CA LEU A 516 13.27 10.69 4.54
C LEU A 516 12.29 9.96 3.63
N ARG A 517 10.99 10.06 3.97
CA ARG A 517 9.86 9.44 3.29
C ARG A 517 10.09 8.04 2.75
N VAL A 518 10.69 7.17 3.59
CA VAL A 518 11.01 5.78 3.21
C VAL A 518 9.80 5.03 2.77
N GLN A 519 8.73 5.15 3.55
CA GLN A 519 7.50 4.41 3.26
C GLN A 519 7.04 4.64 1.80
N MET A 520 6.71 5.87 1.45
CA MET A 520 6.28 6.16 0.09
C MET A 520 7.40 5.91 -0.97
N CYS A 521 8.65 6.13 -0.57
CA CYS A 521 9.73 5.95 -1.52
C CYS A 521 10.04 4.48 -1.85
N VAL A 522 9.71 3.57 -0.94
CA VAL A 522 9.87 2.15 -1.23
C VAL A 522 8.80 1.84 -2.29
N PHE A 523 7.64 2.47 -2.11
CA PHE A 523 6.56 2.24 -3.05
C PHE A 523 6.97 2.74 -4.43
N TRP A 524 7.38 4.00 -4.53
CA TRP A 524 7.79 4.56 -5.81
C TRP A 524 9.06 4.01 -6.40
N ASN A 525 10.07 3.71 -5.59
CA ASN A 525 11.33 3.23 -6.15
C ASN A 525 11.51 1.74 -6.30
N GLN A 526 10.83 0.93 -5.49
CA GLN A 526 10.99 -0.52 -5.59
C GLN A 526 9.70 -1.18 -6.03
N PHE A 527 8.59 -0.90 -5.35
CA PHE A 527 7.38 -1.64 -5.73
C PHE A 527 6.65 -1.30 -6.99
N LEU A 528 6.36 -0.01 -7.24
CA LEU A 528 5.63 0.35 -8.46
C LEU A 528 6.40 0.01 -9.73
N PRO A 529 7.71 0.25 -9.76
CA PRO A 529 8.51 -0.06 -10.96
C PRO A 529 8.41 -1.55 -11.27
N LYS A 530 8.44 -2.36 -10.21
CA LYS A 530 8.35 -3.80 -10.38
C LYS A 530 6.93 -4.18 -10.79
N LEU A 531 5.93 -3.48 -10.25
CA LEU A 531 4.57 -3.78 -10.63
C LEU A 531 4.47 -3.53 -12.13
N LEU A 532 4.84 -2.33 -12.56
CA LEU A 532 4.78 -1.99 -13.98
C LEU A 532 5.62 -2.88 -14.87
N ASN A 533 6.84 -3.22 -14.46
CA ASN A 533 7.66 -4.08 -15.30
C ASN A 533 7.03 -5.43 -15.55
N ALA A 534 6.13 -5.84 -14.67
CA ALA A 534 5.50 -7.15 -14.80
C ALA A 534 4.13 -7.04 -15.38
N THR A 535 3.72 -5.84 -15.73
CA THR A 535 2.40 -5.67 -16.28
C THR A 535 2.33 -4.49 -17.21
N SER B 4 -44.61 -37.55 30.72
CA SER B 4 -43.19 -37.26 31.07
C SER B 4 -42.57 -36.19 30.16
N GLU B 5 -41.79 -35.32 30.81
CA GLU B 5 -41.09 -34.22 30.16
C GLU B 5 -39.90 -34.74 29.33
N LEU B 6 -39.37 -35.89 29.74
CA LEU B 6 -38.22 -36.51 29.10
C LEU B 6 -38.50 -37.49 27.98
N LEU B 7 -39.73 -37.98 27.91
CA LEU B 7 -40.04 -38.94 26.85
C LEU B 7 -40.71 -38.17 25.74
N VAL B 8 -40.07 -38.17 24.58
CA VAL B 8 -40.63 -37.46 23.44
C VAL B 8 -40.71 -38.40 22.25
N ASN B 9 -41.77 -38.24 21.49
CA ASN B 9 -42.00 -39.07 20.33
C ASN B 9 -41.72 -38.29 19.11
N THR B 10 -40.92 -38.84 18.22
CA THR B 10 -40.59 -38.12 17.01
C THR B 10 -40.93 -38.98 15.82
N LYS B 11 -40.83 -38.40 14.63
CA LYS B 11 -41.13 -39.11 13.39
C LYS B 11 -40.19 -40.28 13.16
N SER B 12 -39.13 -40.37 13.95
CA SER B 12 -38.19 -41.48 13.75
C SER B 12 -38.25 -42.50 14.89
N GLY B 13 -38.91 -42.14 15.99
CA GLY B 13 -38.99 -43.06 17.08
C GLY B 13 -39.08 -42.30 18.36
N LYS B 14 -39.25 -43.01 19.46
CA LYS B 14 -39.35 -42.40 20.76
C LYS B 14 -37.94 -42.13 21.25
N VAL B 15 -37.85 -41.16 22.15
CA VAL B 15 -36.58 -40.73 22.64
C VAL B 15 -36.72 -40.42 24.11
N MET B 16 -35.71 -40.78 24.90
CA MET B 16 -35.72 -40.51 26.33
C MET B 16 -34.55 -39.59 26.69
N GLY B 17 -34.86 -38.34 27.03
CA GLY B 17 -33.82 -37.42 27.39
C GLY B 17 -33.53 -37.56 28.85
N THR B 18 -32.59 -36.75 29.36
CA THR B 18 -32.23 -36.77 30.77
C THR B 18 -32.35 -35.38 31.36
N ARG B 19 -32.44 -35.31 32.68
CA ARG B 19 -32.54 -34.04 33.37
C ARG B 19 -31.16 -33.63 33.86
N VAL B 20 -30.73 -32.43 33.47
CA VAL B 20 -29.42 -31.96 33.90
C VAL B 20 -29.53 -30.67 34.68
N PRO B 21 -28.60 -30.46 35.63
CA PRO B 21 -28.57 -29.25 36.46
C PRO B 21 -27.88 -28.09 35.70
N VAL B 22 -28.40 -26.88 35.90
CA VAL B 22 -27.88 -25.68 35.27
C VAL B 22 -27.89 -24.56 36.29
N LEU B 23 -26.72 -24.13 36.75
CA LEU B 23 -26.64 -23.02 37.69
C LEU B 23 -27.75 -23.09 38.76
N SER B 24 -27.81 -24.19 39.51
CA SER B 24 -28.83 -24.37 40.56
C SER B 24 -30.30 -24.27 40.12
N SER B 25 -30.64 -25.06 39.12
CA SER B 25 -31.99 -25.19 38.56
C SER B 25 -31.76 -26.38 37.62
N HIS B 26 -32.68 -26.71 36.72
CA HIS B 26 -32.45 -27.88 35.86
C HIS B 26 -33.10 -27.72 34.50
N ILE B 27 -32.71 -28.53 33.52
CA ILE B 27 -33.38 -28.50 32.23
C ILE B 27 -33.34 -29.84 31.51
N SER B 28 -34.06 -29.92 30.41
CA SER B 28 -34.12 -31.15 29.66
C SER B 28 -33.05 -31.26 28.57
N ALA B 29 -32.41 -32.43 28.53
CA ALA B 29 -31.38 -32.66 27.53
C ALA B 29 -31.61 -33.97 26.81
N PHE B 30 -31.50 -33.94 25.49
CA PHE B 30 -31.68 -35.14 24.66
C PHE B 30 -30.39 -35.22 23.88
N LEU B 31 -29.47 -36.07 24.35
CA LEU B 31 -28.15 -36.20 23.75
C LEU B 31 -27.91 -37.39 22.79
N GLY B 32 -27.17 -37.17 21.71
CA GLY B 32 -26.88 -38.24 20.78
C GLY B 32 -28.04 -38.86 20.02
N ILE B 33 -29.02 -38.05 19.60
CA ILE B 33 -30.17 -38.52 18.83
C ILE B 33 -29.70 -38.70 17.39
N PRO B 34 -29.94 -39.86 16.80
CA PRO B 34 -29.53 -40.13 15.40
C PRO B 34 -30.37 -39.42 14.36
N PHE B 35 -29.76 -38.82 13.33
CA PHE B 35 -30.53 -38.14 12.29
C PHE B 35 -30.20 -38.70 10.90
N ALA B 36 -29.28 -39.64 10.84
CA ALA B 36 -28.94 -40.19 9.53
C ALA B 36 -28.55 -41.62 9.75
N GLU B 37 -28.47 -42.39 8.64
CA GLU B 37 -28.02 -43.78 8.70
C GLU B 37 -26.48 -43.66 8.76
N PRO B 38 -25.85 -44.38 9.70
CA PRO B 38 -24.39 -44.33 9.84
C PRO B 38 -23.75 -44.41 8.46
N PRO B 39 -22.90 -43.43 8.08
CA PRO B 39 -22.28 -43.51 6.75
C PRO B 39 -21.08 -44.46 6.73
N VAL B 40 -21.32 -45.72 7.12
CA VAL B 40 -20.25 -46.73 7.12
C VAL B 40 -20.32 -47.66 5.89
N GLY B 41 -19.31 -48.53 5.77
CA GLY B 41 -19.23 -49.46 4.66
C GLY B 41 -19.30 -48.76 3.31
N ASN B 42 -20.14 -49.27 2.41
CA ASN B 42 -20.27 -48.67 1.09
C ASN B 42 -20.95 -47.31 1.17
N MET B 43 -21.32 -46.90 2.37
CA MET B 43 -21.96 -45.58 2.54
C MET B 43 -20.90 -44.45 2.67
N ARG B 44 -19.75 -44.78 3.26
CA ARG B 44 -18.69 -43.81 3.44
C ARG B 44 -18.45 -43.03 2.15
N PHE B 45 -18.45 -41.71 2.26
CA PHE B 45 -18.24 -40.78 1.13
C PHE B 45 -19.51 -40.39 0.41
N ARG B 46 -20.62 -41.07 0.73
CA ARG B 46 -21.88 -40.81 0.04
C ARG B 46 -22.79 -39.85 0.76
N ARG B 47 -23.68 -39.26 -0.04
CA ARG B 47 -24.67 -38.35 0.46
C ARG B 47 -25.31 -39.14 1.59
N PRO B 48 -25.63 -38.48 2.70
CA PRO B 48 -26.24 -39.27 3.78
C PRO B 48 -27.68 -39.65 3.42
N GLU B 49 -28.21 -40.56 4.23
CA GLU B 49 -29.54 -41.05 4.06
C GLU B 49 -30.20 -40.93 5.40
N PRO B 50 -31.49 -40.58 5.41
CA PRO B 50 -32.22 -40.43 6.68
C PRO B 50 -32.21 -41.65 7.58
N LYS B 51 -32.13 -41.42 8.88
CA LYS B 51 -32.13 -42.52 9.83
C LYS B 51 -33.43 -43.32 9.60
N LYS B 52 -33.36 -44.66 9.51
CA LYS B 52 -34.59 -45.46 9.32
C LYS B 52 -35.24 -45.41 10.69
N PRO B 53 -36.56 -45.26 10.77
CA PRO B 53 -37.20 -45.20 12.09
C PRO B 53 -36.91 -46.45 12.92
N TRP B 54 -36.83 -46.29 14.24
CA TRP B 54 -36.57 -47.42 15.12
C TRP B 54 -37.79 -47.72 15.99
N SER B 55 -37.74 -48.87 16.66
CA SER B 55 -38.82 -49.27 17.54
C SER B 55 -38.26 -49.16 18.95
N GLY B 56 -39.09 -49.07 19.96
CA GLY B 56 -38.56 -48.93 21.30
C GLY B 56 -38.20 -47.50 21.65
N VAL B 57 -37.46 -47.34 22.74
CA VAL B 57 -37.06 -46.02 23.21
C VAL B 57 -35.56 -45.77 23.07
N TRP B 58 -35.19 -44.71 22.34
CA TRP B 58 -33.77 -44.37 22.18
C TRP B 58 -33.26 -43.68 23.46
N ASN B 59 -32.19 -44.22 24.05
CA ASN B 59 -31.60 -43.66 25.25
C ASN B 59 -30.90 -42.40 24.71
N ALA B 60 -31.25 -41.22 25.22
CA ALA B 60 -30.62 -39.98 24.79
C ALA B 60 -30.16 -39.17 26.01
N SER B 61 -29.46 -39.83 26.92
CA SER B 61 -28.99 -39.19 28.14
C SER B 61 -27.47 -38.99 28.12
N THR B 62 -26.86 -39.40 27.02
CA THR B 62 -25.42 -39.26 26.87
C THR B 62 -24.92 -38.79 25.49
N TYR B 63 -23.77 -38.11 25.47
CA TYR B 63 -23.21 -37.61 24.21
C TYR B 63 -22.85 -38.79 23.33
N PRO B 64 -23.02 -38.63 22.02
CA PRO B 64 -22.69 -39.69 21.05
C PRO B 64 -21.19 -39.59 20.73
N ASN B 65 -20.74 -40.42 19.79
CA ASN B 65 -19.36 -40.41 19.35
C ASN B 65 -19.02 -39.15 18.55
N ASN B 66 -17.71 -38.89 18.40
CA ASN B 66 -17.26 -37.74 17.61
C ASN B 66 -16.81 -38.35 16.28
N CYS B 67 -16.98 -37.63 15.17
CA CYS B 67 -16.56 -38.15 13.88
C CYS B 67 -15.05 -38.35 13.84
N GLN B 68 -14.60 -39.15 12.86
CA GLN B 68 -13.19 -39.46 12.68
C GLN B 68 -12.53 -38.18 12.23
N GLN B 69 -11.38 -37.90 12.81
CA GLN B 69 -10.67 -36.67 12.49
C GLN B 69 -9.23 -36.68 13.01
N TYR B 70 -8.40 -35.85 12.38
CA TYR B 70 -7.02 -35.61 12.84
C TYR B 70 -7.17 -35.09 14.30
N VAL B 71 -6.33 -35.57 15.21
CA VAL B 71 -6.37 -35.14 16.63
C VAL B 71 -5.10 -34.34 16.94
N ASP B 72 -5.28 -33.11 17.43
CA ASP B 72 -4.15 -32.24 17.72
C ASP B 72 -3.31 -32.70 18.90
N GLU B 73 -2.02 -32.89 18.69
CA GLU B 73 -1.12 -33.33 19.75
C GLU B 73 0.11 -32.42 19.92
N GLN B 74 0.04 -31.21 19.39
CA GLN B 74 1.13 -30.27 19.46
C GLN B 74 1.49 -29.99 20.92
N PHE B 75 0.45 -29.77 21.72
CA PHE B 75 0.64 -29.48 23.13
C PHE B 75 -0.16 -30.46 23.95
N PRO B 76 0.38 -31.68 24.16
CA PRO B 76 -0.23 -32.77 24.92
C PRO B 76 -0.66 -32.36 26.35
N GLY B 77 -1.95 -32.47 26.65
CA GLY B 77 -2.42 -32.14 27.99
C GLY B 77 -2.70 -30.66 28.25
N PHE B 78 -2.27 -29.78 27.35
CA PHE B 78 -2.53 -28.37 27.51
C PHE B 78 -4.03 -28.10 27.30
N SER B 79 -4.66 -27.42 28.25
CA SER B 79 -6.09 -27.23 28.14
C SER B 79 -6.55 -26.34 27.01
N GLY B 80 -5.65 -25.50 26.52
CA GLY B 80 -5.99 -24.54 25.46
C GLY B 80 -6.13 -25.19 24.10
N SER B 81 -5.35 -26.24 23.87
CA SER B 81 -5.42 -27.00 22.62
C SER B 81 -6.40 -28.15 22.85
N GLU B 82 -6.20 -28.83 23.97
CA GLU B 82 -7.02 -29.99 24.32
C GLU B 82 -8.55 -29.73 24.31
N MET B 83 -8.99 -28.50 24.57
CA MET B 83 -10.44 -28.24 24.57
C MET B 83 -11.12 -28.37 23.18
N TRP B 84 -10.33 -28.47 22.14
CA TRP B 84 -10.89 -28.56 20.79
C TRP B 84 -10.89 -29.99 20.29
N ASN B 85 -10.22 -30.87 21.01
CA ASN B 85 -10.15 -32.28 20.60
C ASN B 85 -11.36 -33.11 21.07
N PRO B 86 -11.65 -34.19 20.33
CA PRO B 86 -12.76 -35.09 20.65
C PRO B 86 -12.71 -35.41 22.16
N ASN B 87 -13.84 -35.33 22.88
CA ASN B 87 -13.83 -35.67 24.31
C ASN B 87 -14.62 -36.98 24.48
N ARG B 88 -14.89 -37.61 23.33
CA ARG B 88 -15.60 -38.87 23.21
C ARG B 88 -14.83 -39.76 22.25
N GLU B 89 -15.24 -41.03 22.16
CA GLU B 89 -14.60 -41.96 21.25
C GLU B 89 -14.90 -41.56 19.80
N MET B 90 -13.93 -41.72 18.89
CA MET B 90 -14.19 -41.41 17.48
C MET B 90 -14.80 -42.58 16.75
N SER B 91 -15.64 -42.29 15.77
CA SER B 91 -16.30 -43.34 15.07
C SER B 91 -16.90 -42.78 13.80
N GLU B 92 -16.98 -43.60 12.77
CA GLU B 92 -17.59 -43.15 11.54
C GLU B 92 -19.11 -43.09 11.77
N ASP B 93 -19.57 -43.79 12.80
CA ASP B 93 -20.98 -43.76 13.11
C ASP B 93 -21.08 -42.56 14.05
N CYS B 94 -21.23 -41.36 13.45
CA CYS B 94 -21.25 -40.12 14.26
C CYS B 94 -22.34 -39.08 13.99
N LEU B 95 -23.25 -39.38 13.04
CA LEU B 95 -24.31 -38.46 12.69
C LEU B 95 -25.46 -38.36 13.70
N TYR B 96 -25.20 -37.65 14.81
CA TYR B 96 -26.18 -37.44 15.86
C TYR B 96 -26.32 -35.95 16.25
N LEU B 97 -27.44 -35.59 16.89
CA LEU B 97 -27.67 -34.22 17.27
C LEU B 97 -28.06 -34.17 18.73
N ASN B 98 -27.88 -33.01 19.35
CA ASN B 98 -28.21 -32.80 20.75
C ASN B 98 -29.18 -31.63 20.94
N ILE B 99 -30.11 -31.82 21.87
CA ILE B 99 -31.09 -30.80 22.15
C ILE B 99 -31.19 -30.51 23.63
N TRP B 100 -31.20 -29.24 23.96
CA TRP B 100 -31.35 -28.75 25.32
C TRP B 100 -32.69 -28.01 25.28
N VAL B 101 -33.64 -28.48 26.08
CA VAL B 101 -34.98 -27.88 26.14
C VAL B 101 -35.26 -27.33 27.54
N PRO B 102 -35.71 -26.06 27.62
CA PRO B 102 -36.01 -25.50 28.94
C PRO B 102 -37.09 -26.30 29.68
N SER B 103 -36.93 -26.47 30.98
CA SER B 103 -37.97 -27.17 31.75
C SER B 103 -38.71 -26.20 32.66
N PRO B 104 -40.04 -26.16 32.55
CA PRO B 104 -40.90 -26.96 31.66
C PRO B 104 -40.92 -26.62 30.16
N ARG B 105 -41.29 -27.61 29.37
CA ARG B 105 -41.32 -27.46 27.93
C ARG B 105 -42.18 -26.30 27.40
N PRO B 106 -41.53 -25.34 26.70
CA PRO B 106 -42.18 -24.18 26.11
C PRO B 106 -43.21 -24.61 25.07
N LYS B 107 -44.17 -23.73 24.79
CA LYS B 107 -45.19 -24.07 23.79
C LYS B 107 -44.48 -24.13 22.44
N SER B 108 -44.00 -22.99 21.95
CA SER B 108 -43.34 -22.97 20.65
C SER B 108 -42.29 -21.86 20.62
N THR B 109 -41.18 -22.10 21.30
CA THR B 109 -40.14 -21.12 21.43
C THR B 109 -39.07 -21.12 20.33
N THR B 110 -38.21 -20.10 20.40
CA THR B 110 -37.13 -19.90 19.46
C THR B 110 -36.12 -21.02 19.57
N VAL B 111 -35.67 -21.48 18.41
CA VAL B 111 -34.66 -22.54 18.26
C VAL B 111 -33.32 -22.01 17.70
N MET B 112 -32.19 -22.49 18.23
CA MET B 112 -30.89 -22.09 17.70
C MET B 112 -30.13 -23.38 17.47
N VAL B 113 -29.66 -23.57 16.26
CA VAL B 113 -28.92 -24.76 15.89
C VAL B 113 -27.44 -24.42 15.78
N TRP B 114 -26.62 -25.06 16.60
CA TRP B 114 -25.16 -24.82 16.60
C TRP B 114 -24.39 -25.69 15.59
N ILE B 115 -23.58 -25.07 14.75
CA ILE B 115 -22.73 -25.80 13.82
C ILE B 115 -21.24 -25.57 14.17
N TYR B 116 -20.61 -26.56 14.82
CA TYR B 116 -19.20 -26.44 15.22
C TYR B 116 -18.19 -26.20 14.10
N GLY B 117 -17.06 -25.58 14.44
CA GLY B 117 -16.02 -25.39 13.45
C GLY B 117 -14.89 -26.44 13.56
N GLY B 118 -13.73 -26.14 12.99
CA GLY B 118 -12.61 -27.06 12.98
C GLY B 118 -12.01 -27.25 11.57
N GLY B 119 -12.10 -26.20 10.74
CA GLY B 119 -11.53 -26.23 9.41
C GLY B 119 -12.01 -27.30 8.42
N PHE B 120 -13.20 -27.85 8.67
CA PHE B 120 -13.78 -28.93 7.85
C PHE B 120 -12.99 -30.24 7.96
N TYR B 121 -11.98 -30.30 8.83
CA TYR B 121 -11.22 -31.54 9.07
C TYR B 121 -11.31 -32.02 10.54
N SER B 122 -12.01 -31.28 11.38
CA SER B 122 -12.13 -31.66 12.78
C SER B 122 -13.32 -30.98 13.37
N GLY B 123 -13.52 -31.25 14.65
CA GLY B 123 -14.64 -30.68 15.36
C GLY B 123 -15.60 -31.71 15.93
N SER B 124 -16.22 -31.34 17.06
CA SER B 124 -17.17 -32.21 17.75
C SER B 124 -18.32 -31.41 18.30
N SER B 125 -19.47 -32.05 18.40
CA SER B 125 -20.65 -31.37 18.94
C SER B 125 -20.60 -31.43 20.48
N THR B 126 -19.73 -32.28 21.02
CA THR B 126 -19.71 -32.54 22.46
C THR B 126 -18.69 -31.83 23.37
N LEU B 127 -17.97 -30.87 22.81
CA LEU B 127 -16.97 -30.09 23.56
C LEU B 127 -17.54 -29.36 24.77
N ASP B 128 -16.75 -29.18 25.83
CA ASP B 128 -17.25 -28.46 27.01
C ASP B 128 -17.69 -27.06 26.61
N VAL B 129 -17.01 -26.44 25.64
CA VAL B 129 -17.35 -25.08 25.17
C VAL B 129 -18.67 -24.97 24.41
N TYR B 130 -19.23 -26.09 23.96
CA TYR B 130 -20.51 -26.08 23.25
C TYR B 130 -21.66 -26.65 24.12
N ASN B 131 -21.43 -26.75 25.42
CA ASN B 131 -22.45 -27.25 26.32
C ASN B 131 -23.62 -26.28 26.21
N GLY B 132 -24.76 -26.76 25.74
CA GLY B 132 -25.85 -25.85 25.52
C GLY B 132 -26.79 -25.51 26.64
N LYS B 133 -26.56 -26.02 27.84
CA LYS B 133 -27.49 -25.76 28.92
C LYS B 133 -27.60 -24.32 29.42
N TYR B 134 -26.51 -23.57 29.37
CA TYR B 134 -26.58 -22.22 29.89
C TYR B 134 -27.36 -21.27 29.00
N LEU B 135 -27.27 -21.46 27.68
CA LEU B 135 -27.99 -20.62 26.72
C LEU B 135 -29.45 -21.01 26.67
N ALA B 136 -29.70 -22.30 26.52
CA ALA B 136 -31.07 -22.80 26.49
C ALA B 136 -31.78 -22.33 27.77
N TYR B 137 -31.07 -22.48 28.87
CA TYR B 137 -31.62 -22.10 30.15
C TYR B 137 -31.81 -20.60 30.29
N THR B 138 -30.74 -19.84 30.24
CA THR B 138 -30.81 -18.39 30.39
C THR B 138 -31.70 -17.61 29.43
N GLU B 139 -31.77 -18.03 28.18
CA GLU B 139 -32.57 -17.28 27.22
C GLU B 139 -33.88 -17.92 26.84
N GLU B 140 -34.23 -19.03 27.49
CA GLU B 140 -35.47 -19.70 27.17
C GLU B 140 -35.52 -20.16 25.70
N VAL B 141 -34.41 -20.66 25.16
CA VAL B 141 -34.45 -21.13 23.78
C VAL B 141 -34.24 -22.63 23.78
N VAL B 142 -34.71 -23.27 22.71
CA VAL B 142 -34.51 -24.71 22.50
C VAL B 142 -33.18 -24.68 21.75
N LEU B 143 -32.13 -25.20 22.37
CA LEU B 143 -30.80 -25.20 21.72
C LEU B 143 -30.39 -26.55 21.13
N VAL B 144 -30.04 -26.57 19.86
CA VAL B 144 -29.64 -27.81 19.16
C VAL B 144 -28.20 -27.77 18.59
N SER B 145 -27.42 -28.83 18.84
CA SER B 145 -26.10 -28.89 18.21
C SER B 145 -26.08 -30.14 17.26
N LEU B 146 -25.80 -29.91 15.98
CA LEU B 146 -25.74 -31.04 15.03
C LEU B 146 -24.28 -31.51 14.90
N SER B 147 -24.04 -32.44 13.97
CA SER B 147 -22.71 -32.90 13.68
C SER B 147 -22.65 -33.12 12.19
N TYR B 148 -21.43 -33.29 11.66
CA TYR B 148 -21.26 -33.56 10.24
C TYR B 148 -19.86 -34.17 10.03
N ARG B 149 -19.77 -35.00 9.01
CA ARG B 149 -18.51 -35.62 8.67
C ARG B 149 -17.51 -34.56 8.23
N VAL B 150 -16.29 -34.73 8.72
CA VAL B 150 -15.22 -33.82 8.40
C VAL B 150 -14.16 -34.57 7.67
N GLY B 151 -13.10 -33.87 7.27
CA GLY B 151 -12.00 -34.46 6.53
C GLY B 151 -12.53 -35.23 5.34
N ALA B 152 -11.69 -36.11 4.79
CA ALA B 152 -12.06 -36.96 3.63
C ALA B 152 -13.46 -37.58 3.76
N PHE B 153 -13.79 -38.03 4.97
CA PHE B 153 -15.07 -38.68 5.20
C PHE B 153 -16.25 -37.83 4.83
N GLY B 154 -16.06 -36.50 4.87
CA GLY B 154 -17.16 -35.61 4.58
C GLY B 154 -16.93 -34.79 3.36
N PHE B 155 -15.68 -34.68 2.89
CA PHE B 155 -15.55 -33.84 1.70
C PHE B 155 -14.76 -34.35 0.51
N LEU B 156 -14.42 -35.65 0.50
CA LEU B 156 -13.70 -36.20 -0.66
C LEU B 156 -14.60 -35.93 -1.87
N ALA B 157 -14.09 -35.24 -2.87
CA ALA B 157 -14.94 -34.95 -4.02
C ALA B 157 -14.49 -35.47 -5.39
N LEU B 158 -15.31 -36.34 -5.97
CA LEU B 158 -15.04 -36.90 -7.29
C LEU B 158 -16.19 -36.50 -8.20
N HIS B 159 -16.25 -35.21 -8.53
CA HIS B 159 -17.33 -34.71 -9.36
C HIS B 159 -17.63 -35.58 -10.57
N GLY B 160 -18.87 -36.05 -10.62
CA GLY B 160 -19.33 -36.93 -11.68
C GLY B 160 -19.73 -38.23 -11.01
N SER B 161 -19.02 -38.53 -9.94
CA SER B 161 -19.27 -39.73 -9.18
C SER B 161 -20.47 -39.50 -8.25
N GLN B 162 -21.20 -40.57 -7.98
CA GLN B 162 -22.35 -40.50 -7.11
C GLN B 162 -22.00 -41.30 -5.88
N GLU B 163 -20.77 -41.81 -5.87
CA GLU B 163 -20.36 -42.60 -4.72
C GLU B 163 -19.55 -41.75 -3.72
N ALA B 164 -19.03 -40.63 -4.23
CA ALA B 164 -18.23 -39.66 -3.48
C ALA B 164 -18.32 -38.38 -4.27
N PRO B 165 -19.52 -37.76 -4.26
CA PRO B 165 -19.90 -36.51 -4.95
C PRO B 165 -19.34 -35.20 -4.40
N GLY B 166 -18.84 -35.22 -3.19
CA GLY B 166 -18.33 -34.00 -2.60
C GLY B 166 -19.46 -33.30 -1.85
N ASN B 167 -19.12 -32.53 -0.81
CA ASN B 167 -20.08 -31.78 -0.01
C ASN B 167 -21.01 -32.58 0.89
N VAL B 168 -20.67 -33.82 1.22
CA VAL B 168 -21.60 -34.58 2.03
C VAL B 168 -21.67 -34.19 3.51
N GLY B 169 -20.61 -33.57 4.03
CA GLY B 169 -20.65 -33.11 5.41
C GLY B 169 -21.66 -31.95 5.45
N LEU B 170 -21.76 -31.23 4.33
CA LEU B 170 -22.69 -30.13 4.21
C LEU B 170 -24.13 -30.68 4.13
N LEU B 171 -24.33 -31.72 3.31
CA LEU B 171 -25.62 -32.39 3.21
C LEU B 171 -25.91 -32.97 4.58
N ASP B 172 -24.89 -33.47 5.28
CA ASP B 172 -25.18 -33.98 6.63
C ASP B 172 -25.82 -32.85 7.45
N GLN B 173 -25.22 -31.67 7.39
CA GLN B 173 -25.75 -30.53 8.14
C GLN B 173 -27.19 -30.24 7.71
N ARG B 174 -27.44 -30.33 6.40
CA ARG B 174 -28.77 -30.09 5.84
C ARG B 174 -29.78 -31.12 6.35
N MET B 175 -29.33 -32.36 6.53
CA MET B 175 -30.25 -33.40 7.03
C MET B 175 -30.58 -33.19 8.50
N ALA B 176 -29.61 -32.74 9.28
CA ALA B 176 -29.91 -32.48 10.69
C ALA B 176 -30.89 -31.26 10.71
N LEU B 177 -30.72 -30.31 9.80
CA LEU B 177 -31.62 -29.16 9.76
C LEU B 177 -33.03 -29.62 9.38
N GLN B 178 -33.10 -30.51 8.39
CA GLN B 178 -34.38 -31.05 7.95
C GLN B 178 -35.03 -31.80 9.10
N TRP B 179 -34.24 -32.50 9.90
CA TRP B 179 -34.78 -33.25 11.02
C TRP B 179 -35.40 -32.26 12.00
N VAL B 180 -34.67 -31.17 12.25
CA VAL B 180 -35.15 -30.13 13.16
C VAL B 180 -36.50 -29.58 12.62
N HIS B 181 -36.52 -29.29 11.31
CA HIS B 181 -37.71 -28.77 10.69
C HIS B 181 -38.86 -29.72 10.86
N ASP B 182 -38.57 -31.03 10.86
CA ASP B 182 -39.63 -32.04 10.98
C ASP B 182 -40.00 -32.37 12.41
N ASN B 183 -39.09 -32.18 13.35
CA ASN B 183 -39.37 -32.66 14.67
C ASN B 183 -39.19 -31.71 15.80
N ILE B 184 -38.48 -30.61 15.59
CA ILE B 184 -38.26 -29.72 16.73
C ILE B 184 -39.55 -29.36 17.48
N GLN B 185 -40.68 -29.31 16.77
CA GLN B 185 -41.93 -28.97 17.42
C GLN B 185 -42.29 -29.91 18.57
N PHE B 186 -41.90 -31.19 18.52
CA PHE B 186 -42.27 -32.07 19.65
C PHE B 186 -41.42 -31.79 20.87
N PHE B 187 -40.56 -30.78 20.76
CA PHE B 187 -39.71 -30.42 21.88
C PHE B 187 -40.01 -29.00 22.37
N GLY B 188 -41.02 -28.36 21.79
CA GLY B 188 -41.36 -27.02 22.21
C GLY B 188 -40.73 -25.99 21.29
N GLY B 189 -39.98 -26.47 20.30
CA GLY B 189 -39.32 -25.56 19.39
C GLY B 189 -40.20 -25.15 18.25
N ASP B 190 -40.02 -23.92 17.76
CA ASP B 190 -40.80 -23.46 16.63
C ASP B 190 -40.01 -23.57 15.32
N PRO B 191 -40.35 -24.56 14.49
CA PRO B 191 -39.64 -24.70 13.23
C PRO B 191 -39.63 -23.47 12.34
N LYS B 192 -40.63 -22.61 12.43
CA LYS B 192 -40.66 -21.42 11.59
C LYS B 192 -39.67 -20.38 12.11
N THR B 193 -39.13 -20.58 13.31
CA THR B 193 -38.19 -19.62 13.90
C THR B 193 -36.83 -20.26 14.33
N VAL B 194 -36.10 -20.82 13.36
CA VAL B 194 -34.81 -21.41 13.69
C VAL B 194 -33.66 -20.57 13.16
N THR B 195 -32.68 -20.36 14.05
CA THR B 195 -31.48 -19.64 13.70
C THR B 195 -30.35 -20.65 13.70
N ILE B 196 -29.59 -20.68 12.60
CA ILE B 196 -28.42 -21.55 12.53
C ILE B 196 -27.26 -20.62 12.85
N PHE B 197 -26.28 -21.13 13.59
CA PHE B 197 -25.14 -20.31 13.90
C PHE B 197 -23.90 -21.14 14.09
N GLY B 198 -22.77 -20.61 13.63
CA GLY B 198 -21.53 -21.34 13.80
C GLY B 198 -20.30 -20.47 13.82
N GLU B 199 -19.17 -21.05 14.18
CA GLU B 199 -17.95 -20.29 14.25
C GLU B 199 -16.92 -20.89 13.32
N SER B 200 -16.19 -20.01 12.60
CA SER B 200 -15.11 -20.42 11.72
C SER B 200 -15.62 -21.37 10.62
N ALA B 201 -15.10 -22.62 10.52
CA ALA B 201 -15.60 -23.51 9.45
C ALA B 201 -17.11 -23.63 9.57
N GLY B 202 -17.63 -23.50 10.78
CA GLY B 202 -19.08 -23.57 10.98
C GLY B 202 -19.80 -22.30 10.53
N GLY B 203 -19.09 -21.16 10.63
CA GLY B 203 -19.65 -19.89 10.19
C GLY B 203 -19.64 -19.91 8.66
N ALA B 204 -18.59 -20.48 8.09
CA ALA B 204 -18.56 -20.61 6.63
C ALA B 204 -19.79 -21.47 6.27
N SER B 205 -20.04 -22.54 7.04
CA SER B 205 -21.17 -23.44 6.80
C SER B 205 -22.54 -22.71 6.71
N VAL B 206 -22.82 -21.89 7.74
CA VAL B 206 -24.04 -21.12 7.82
C VAL B 206 -24.18 -20.35 6.51
N GLY B 207 -23.14 -19.60 6.15
CA GLY B 207 -23.19 -18.83 4.92
C GLY B 207 -23.38 -19.70 3.69
N MET B 208 -22.94 -20.95 3.74
CA MET B 208 -23.12 -21.80 2.58
C MET B 208 -24.57 -22.25 2.47
N HIS B 209 -25.26 -22.34 3.60
CA HIS B 209 -26.65 -22.75 3.56
C HIS B 209 -27.51 -21.56 3.17
N ILE B 210 -26.98 -20.34 3.31
CA ILE B 210 -27.69 -19.10 2.91
C ILE B 210 -27.61 -19.09 1.40
N LEU B 211 -26.50 -19.58 0.88
CA LEU B 211 -26.37 -19.60 -0.54
C LEU B 211 -27.19 -20.76 -1.12
N SER B 212 -26.70 -21.98 -0.97
CA SER B 212 -27.37 -23.17 -1.52
C SER B 212 -28.91 -23.21 -1.53
N PRO B 213 -29.51 -23.22 -2.74
CA PRO B 213 -30.98 -23.26 -2.90
C PRO B 213 -31.67 -24.35 -2.05
N GLY B 214 -31.01 -25.51 -1.93
CA GLY B 214 -31.56 -26.63 -1.17
C GLY B 214 -31.48 -26.56 0.34
N SER B 215 -31.05 -25.44 0.91
CA SER B 215 -30.97 -25.34 2.38
C SER B 215 -31.77 -24.16 2.89
N ARG B 216 -31.97 -23.19 2.02
CA ARG B 216 -32.67 -21.94 2.35
C ARG B 216 -33.94 -22.07 3.15
N ASP B 217 -34.77 -23.03 2.78
CA ASP B 217 -36.01 -23.17 3.51
C ASP B 217 -35.97 -23.90 4.83
N LEU B 218 -34.78 -24.35 5.26
CA LEU B 218 -34.63 -25.10 6.53
C LEU B 218 -34.26 -24.30 7.80
N PHE B 219 -34.22 -22.98 7.66
CA PHE B 219 -33.94 -22.08 8.79
C PHE B 219 -34.51 -20.71 8.43
N ARG B 220 -34.64 -19.87 9.46
CA ARG B 220 -35.15 -18.53 9.41
C ARG B 220 -34.07 -17.44 9.24
N ARG B 221 -33.11 -17.43 10.20
CA ARG B 221 -32.03 -16.46 10.25
C ARG B 221 -30.67 -17.18 10.40
N ALA B 222 -29.60 -16.41 10.30
CA ALA B 222 -28.26 -16.93 10.41
C ALA B 222 -27.30 -16.03 11.20
N ILE B 223 -26.39 -16.67 11.93
CA ILE B 223 -25.36 -15.99 12.68
C ILE B 223 -23.98 -16.59 12.32
N LEU B 224 -23.08 -15.74 11.81
CA LEU B 224 -21.75 -16.18 11.44
C LEU B 224 -20.60 -15.59 12.26
N GLN B 225 -19.91 -16.46 13.01
CA GLN B 225 -18.80 -16.06 13.88
C GLN B 225 -17.42 -16.41 13.29
N SER B 226 -16.64 -15.36 12.98
CA SER B 226 -15.30 -15.55 12.43
C SER B 226 -15.18 -16.55 11.26
N GLY B 227 -16.12 -16.48 10.32
CA GLY B 227 -16.09 -17.35 9.16
C GLY B 227 -17.22 -16.91 8.22
N SER B 228 -17.00 -17.07 6.92
CA SER B 228 -17.99 -16.73 5.93
C SER B 228 -17.80 -17.70 4.73
N PRO B 229 -18.83 -17.87 3.92
CA PRO B 229 -18.71 -18.79 2.78
C PRO B 229 -17.55 -18.59 1.83
N ASN B 230 -17.27 -17.33 1.46
CA ASN B 230 -16.18 -16.98 0.55
C ASN B 230 -14.76 -16.98 1.13
N CYS B 231 -14.50 -17.63 2.25
CA CYS B 231 -13.13 -17.63 2.78
C CYS B 231 -12.19 -18.43 1.85
N PRO B 232 -10.98 -17.94 1.67
CA PRO B 232 -10.01 -18.63 0.81
C PRO B 232 -9.76 -20.12 1.16
N TRP B 233 -9.95 -20.50 2.42
CA TRP B 233 -9.71 -21.87 2.82
C TRP B 233 -10.99 -22.67 2.93
N ALA B 234 -12.11 -22.10 2.53
CA ALA B 234 -13.38 -22.82 2.74
C ALA B 234 -13.92 -23.65 1.57
N SER B 235 -13.35 -23.50 0.39
CA SER B 235 -13.85 -24.27 -0.74
C SER B 235 -12.78 -24.38 -1.81
N VAL B 236 -12.98 -25.29 -2.76
CA VAL B 236 -12.06 -25.53 -3.87
C VAL B 236 -12.87 -25.87 -5.13
N SER B 237 -12.22 -25.84 -6.29
CA SER B 237 -12.85 -26.16 -7.57
C SER B 237 -13.09 -27.70 -7.70
N VAL B 238 -13.93 -28.11 -8.64
CA VAL B 238 -14.16 -29.54 -8.85
C VAL B 238 -12.84 -30.12 -9.25
N ALA B 239 -12.10 -29.37 -10.04
CA ALA B 239 -10.78 -29.80 -10.50
C ALA B 239 -9.83 -30.07 -9.34
N GLU B 240 -9.62 -29.06 -8.49
CA GLU B 240 -8.74 -29.22 -7.35
C GLU B 240 -9.24 -30.33 -6.41
N GLY B 241 -10.56 -30.51 -6.35
CA GLY B 241 -11.13 -31.55 -5.47
C GLY B 241 -10.81 -32.92 -6.02
N ARG B 242 -10.92 -33.05 -7.34
CA ARG B 242 -10.60 -34.30 -8.01
C ARG B 242 -9.09 -34.56 -7.81
N ARG B 243 -8.29 -33.56 -8.14
CA ARG B 243 -6.85 -33.70 -8.00
C ARG B 243 -6.45 -34.18 -6.60
N ARG B 244 -7.02 -33.59 -5.56
CA ARG B 244 -6.64 -34.04 -4.21
C ARG B 244 -7.18 -35.43 -3.88
N ALA B 245 -8.33 -35.77 -4.46
CA ALA B 245 -8.89 -37.09 -4.19
C ALA B 245 -7.95 -38.15 -4.79
N VAL B 246 -7.48 -37.89 -5.99
CA VAL B 246 -6.57 -38.81 -6.66
C VAL B 246 -5.26 -38.86 -5.88
N GLU B 247 -4.76 -37.69 -5.46
CA GLU B 247 -3.53 -37.67 -4.69
C GLU B 247 -3.67 -38.43 -3.35
N LEU B 248 -4.87 -38.46 -2.78
CA LEU B 248 -5.07 -39.21 -1.54
C LEU B 248 -4.91 -40.69 -1.92
N GLY B 249 -5.44 -41.04 -3.09
CA GLY B 249 -5.37 -42.40 -3.58
C GLY B 249 -3.94 -42.82 -3.83
N ARG B 250 -3.22 -41.96 -4.55
CA ARG B 250 -1.83 -42.21 -4.87
C ARG B 250 -1.11 -42.51 -3.56
N ASN B 251 -1.25 -41.64 -2.56
CA ASN B 251 -0.59 -41.85 -1.27
C ASN B 251 -0.92 -43.18 -0.58
N LEU B 252 -2.07 -43.77 -0.89
CA LEU B 252 -2.45 -45.02 -0.26
C LEU B 252 -2.35 -46.27 -1.15
N ASN B 253 -1.63 -46.18 -2.28
CA ASN B 253 -1.48 -47.33 -3.18
C ASN B 253 -2.85 -47.81 -3.61
N CYS B 254 -3.51 -46.98 -4.40
CA CYS B 254 -4.83 -47.31 -4.87
C CYS B 254 -4.78 -47.34 -6.37
N ASN B 255 -5.41 -48.35 -6.95
CA ASN B 255 -5.44 -48.42 -8.40
C ASN B 255 -6.18 -47.15 -8.74
N LEU B 256 -5.59 -46.32 -9.59
CA LEU B 256 -6.22 -45.07 -9.99
C LEU B 256 -6.79 -45.15 -11.41
N ASN B 257 -7.29 -46.32 -11.81
CA ASN B 257 -7.84 -46.53 -13.16
C ASN B 257 -9.15 -45.74 -13.36
N SER B 258 -10.13 -45.96 -12.47
CA SER B 258 -11.41 -45.24 -12.54
C SER B 258 -11.88 -44.80 -11.14
N ASP B 259 -12.83 -43.87 -11.09
CA ASP B 259 -13.35 -43.39 -9.82
C ASP B 259 -13.85 -44.56 -8.96
N GLU B 260 -14.45 -45.55 -9.61
CA GLU B 260 -14.97 -46.73 -8.91
C GLU B 260 -13.79 -47.47 -8.24
N GLU B 261 -12.73 -47.66 -9.02
CA GLU B 261 -11.53 -48.33 -8.55
C GLU B 261 -11.03 -47.62 -7.29
N LEU B 262 -10.79 -46.32 -7.45
CA LEU B 262 -10.30 -45.42 -6.39
C LEU B 262 -11.17 -45.47 -5.14
N ILE B 263 -12.42 -45.09 -5.31
CA ILE B 263 -13.38 -45.09 -4.22
C ILE B 263 -13.45 -46.42 -3.49
N HIS B 264 -13.43 -47.54 -4.23
CA HIS B 264 -13.49 -48.85 -3.59
C HIS B 264 -12.24 -49.12 -2.72
N CYS B 265 -11.11 -48.59 -3.16
CA CYS B 265 -9.86 -48.74 -2.41
C CYS B 265 -9.99 -47.97 -1.08
N LEU B 266 -10.40 -46.70 -1.20
CA LEU B 266 -10.60 -45.79 -0.06
C LEU B 266 -11.60 -46.35 0.95
N ARG B 267 -12.60 -47.09 0.43
CA ARG B 267 -13.59 -47.69 1.29
C ARG B 267 -13.12 -48.91 2.05
N GLU B 268 -11.99 -49.49 1.63
CA GLU B 268 -11.50 -50.68 2.35
C GLU B 268 -10.50 -50.27 3.41
N LYS B 269 -10.02 -49.03 3.32
CA LYS B 269 -9.06 -48.51 4.29
C LYS B 269 -9.70 -48.16 5.63
N LYS B 270 -9.00 -48.48 6.72
CA LYS B 270 -9.50 -48.13 8.05
C LYS B 270 -9.41 -46.59 8.20
N PRO B 271 -10.17 -46.00 9.11
CA PRO B 271 -10.18 -44.55 9.31
C PRO B 271 -8.84 -43.84 9.47
N GLN B 272 -8.08 -44.24 10.49
CA GLN B 272 -6.79 -43.64 10.79
C GLN B 272 -5.84 -43.68 9.60
N GLU B 273 -6.09 -44.60 8.67
CA GLU B 273 -5.25 -44.75 7.48
C GLU B 273 -5.45 -43.58 6.54
N LEU B 274 -6.66 -43.03 6.52
CA LEU B 274 -6.92 -41.88 5.67
C LEU B 274 -6.42 -40.68 6.43
N ILE B 275 -6.73 -40.64 7.71
CA ILE B 275 -6.32 -39.53 8.55
C ILE B 275 -4.78 -39.35 8.57
N ASP B 276 -4.03 -40.45 8.62
CA ASP B 276 -2.56 -40.37 8.64
C ASP B 276 -1.99 -39.73 7.36
N VAL B 277 -2.65 -39.88 6.21
CA VAL B 277 -2.10 -39.29 4.98
C VAL B 277 -2.82 -38.06 4.48
N GLU B 278 -3.84 -37.65 5.23
CA GLU B 278 -4.65 -36.49 4.88
C GLU B 278 -3.88 -35.22 4.48
N TRP B 279 -2.88 -34.84 5.26
CA TRP B 279 -2.19 -33.61 4.93
C TRP B 279 -1.29 -33.65 3.71
N ASN B 280 -0.89 -34.85 3.31
CA ASN B 280 0.00 -35.04 2.18
C ASN B 280 -0.52 -34.66 0.79
N VAL B 281 -1.75 -34.17 0.69
CA VAL B 281 -2.30 -33.83 -0.63
C VAL B 281 -2.46 -32.35 -0.97
N LEU B 282 -1.99 -31.46 -0.11
CA LEU B 282 -2.13 -30.03 -0.39
C LEU B 282 -1.15 -29.49 -1.44
N PRO B 283 -1.56 -28.45 -2.19
CA PRO B 283 -0.68 -27.85 -3.22
C PRO B 283 0.44 -26.98 -2.64
N PHE B 290 -6.03 -26.83 4.61
CA PHE B 290 -7.08 -27.87 4.82
C PHE B 290 -7.38 -28.68 3.55
N SER B 291 -7.17 -29.98 3.65
CA SER B 291 -7.33 -30.89 2.52
C SER B 291 -8.70 -31.12 1.91
N PHE B 292 -9.66 -31.55 2.72
CA PHE B 292 -10.99 -31.81 2.20
C PHE B 292 -12.05 -30.83 2.72
N VAL B 293 -12.47 -29.97 1.79
CA VAL B 293 -13.43 -28.91 2.03
C VAL B 293 -14.52 -28.84 0.94
N PRO B 294 -15.59 -28.07 1.20
CA PRO B 294 -16.65 -27.95 0.20
C PRO B 294 -16.13 -27.72 -1.26
N VAL B 295 -16.88 -28.23 -2.25
CA VAL B 295 -16.53 -28.05 -3.65
C VAL B 295 -17.61 -27.26 -4.35
N ILE B 296 -17.23 -26.32 -5.20
CA ILE B 296 -18.21 -25.56 -5.97
C ILE B 296 -18.54 -26.52 -7.13
N ASP B 297 -19.54 -27.35 -6.86
CA ASP B 297 -20.04 -28.41 -7.74
C ASP B 297 -21.10 -28.08 -8.81
N GLY B 298 -21.83 -26.99 -8.63
CA GLY B 298 -22.86 -26.66 -9.59
C GLY B 298 -24.18 -27.25 -9.12
N GLU B 299 -24.19 -27.81 -7.91
CA GLU B 299 -25.36 -28.42 -7.33
C GLU B 299 -25.69 -27.84 -5.95
N PHE B 300 -24.88 -28.16 -4.94
CA PHE B 300 -25.15 -27.58 -3.64
C PHE B 300 -24.95 -26.08 -3.85
N PHE B 301 -23.99 -25.73 -4.71
CA PHE B 301 -23.73 -24.33 -5.07
C PHE B 301 -23.96 -24.25 -6.59
N PRO B 302 -25.07 -23.64 -7.03
CA PRO B 302 -25.34 -23.53 -8.48
C PRO B 302 -24.23 -22.88 -9.30
N THR B 303 -23.74 -21.71 -8.87
CA THR B 303 -22.66 -21.02 -9.58
C THR B 303 -21.53 -20.60 -8.61
N SER B 304 -20.58 -19.82 -9.12
CA SER B 304 -19.47 -19.37 -8.30
C SER B 304 -20.04 -18.59 -7.11
N LEU B 305 -19.37 -18.69 -5.97
CA LEU B 305 -19.84 -17.98 -4.78
C LEU B 305 -19.98 -16.48 -5.06
N GLU B 306 -18.95 -15.93 -5.70
CA GLU B 306 -18.88 -14.51 -6.05
C GLU B 306 -20.02 -14.03 -6.95
N SER B 307 -20.42 -14.86 -7.94
CA SER B 307 -21.50 -14.51 -8.86
C SER B 307 -22.86 -14.65 -8.16
N MET B 308 -23.00 -15.64 -7.29
CA MET B 308 -24.26 -15.78 -6.56
C MET B 308 -24.43 -14.52 -5.70
N LEU B 309 -23.33 -14.10 -5.06
CA LEU B 309 -23.39 -12.91 -4.22
C LEU B 309 -23.63 -11.65 -5.02
N ASN B 310 -23.11 -11.58 -6.24
CA ASN B 310 -23.37 -10.36 -7.02
C ASN B 310 -24.81 -10.30 -7.51
N SER B 311 -25.39 -11.46 -7.83
CA SER B 311 -26.77 -11.48 -8.30
C SER B 311 -27.83 -11.49 -7.21
N GLY B 312 -27.43 -11.67 -5.96
CA GLY B 312 -28.43 -11.73 -4.89
C GLY B 312 -29.13 -13.09 -4.85
N ASN B 313 -28.53 -14.09 -5.51
CA ASN B 313 -29.07 -15.45 -5.55
C ASN B 313 -28.77 -16.15 -4.22
N PHE B 314 -29.56 -15.83 -3.21
CA PHE B 314 -29.34 -16.43 -1.92
C PHE B 314 -30.44 -16.04 -1.00
N LYS B 315 -30.54 -16.71 0.13
CA LYS B 315 -31.61 -16.41 1.06
C LYS B 315 -31.52 -14.96 1.56
N LYS B 316 -32.62 -14.23 1.43
CA LYS B 316 -32.67 -12.87 1.89
C LYS B 316 -33.33 -12.84 3.25
N THR B 317 -32.55 -12.59 4.31
CA THR B 317 -33.13 -12.55 5.67
C THR B 317 -32.23 -11.63 6.51
N GLN B 318 -32.25 -11.77 7.83
CA GLN B 318 -31.39 -10.96 8.68
C GLN B 318 -30.18 -11.82 9.04
N ILE B 319 -29.04 -11.19 9.32
CA ILE B 319 -27.83 -11.90 9.73
C ILE B 319 -27.12 -11.09 10.79
N LEU B 320 -26.41 -11.80 11.64
CA LEU B 320 -25.67 -11.20 12.72
C LEU B 320 -24.31 -11.87 12.57
N LEU B 321 -23.25 -11.09 12.43
CA LEU B 321 -21.96 -11.72 12.23
C LEU B 321 -20.84 -10.83 12.72
N GLY B 322 -19.63 -11.37 12.80
CA GLY B 322 -18.49 -10.59 13.25
C GLY B 322 -17.19 -11.38 13.37
N VAL B 323 -16.16 -10.69 13.86
CA VAL B 323 -14.84 -11.25 14.00
C VAL B 323 -14.25 -10.87 15.34
N ASN B 324 -13.14 -11.52 15.65
CA ASN B 324 -12.39 -11.31 16.89
C ASN B 324 -11.15 -10.48 16.52
N LYS B 325 -10.61 -9.76 17.49
CA LYS B 325 -9.42 -8.95 17.25
C LYS B 325 -8.17 -9.63 16.67
N ASP B 326 -7.81 -10.81 17.19
CA ASP B 326 -6.62 -11.46 16.67
C ASP B 326 -6.94 -12.81 16.01
N GLU B 327 -7.66 -12.78 14.90
CA GLU B 327 -8.02 -14.02 14.20
C GLU B 327 -6.81 -14.86 13.78
N GLY B 328 -5.64 -14.25 13.60
CA GLY B 328 -4.52 -15.02 13.13
C GLY B 328 -3.44 -15.59 14.05
N SER B 329 -3.43 -15.22 15.33
CA SER B 329 -2.37 -15.69 16.19
C SER B 329 -2.32 -17.19 16.39
N PHE B 330 -3.48 -17.83 16.45
CA PHE B 330 -3.53 -19.28 16.59
C PHE B 330 -2.73 -19.99 15.51
N PHE B 331 -3.00 -19.64 14.25
CA PHE B 331 -2.33 -20.31 13.14
C PHE B 331 -0.86 -19.89 13.06
N LEU B 332 -0.53 -18.71 13.54
CA LEU B 332 0.88 -18.33 13.43
C LEU B 332 1.66 -19.26 14.33
N LEU B 333 1.10 -19.52 15.53
CA LEU B 333 1.73 -20.40 16.54
C LEU B 333 1.90 -21.86 16.12
N TYR B 334 1.00 -22.36 15.24
CA TYR B 334 1.06 -23.73 14.76
C TYR B 334 1.86 -23.86 13.48
N GLY B 335 1.77 -22.90 12.55
CA GLY B 335 2.53 -23.03 11.30
C GLY B 335 3.66 -22.07 10.89
N ALA B 336 3.96 -21.02 11.64
CA ALA B 336 5.01 -20.09 11.22
C ALA B 336 6.27 -20.00 12.10
N PRO B 337 7.45 -19.73 11.46
CA PRO B 337 8.77 -19.62 12.14
C PRO B 337 8.91 -18.55 13.21
N GLY B 338 9.49 -18.92 14.37
CA GLY B 338 9.70 -17.96 15.44
C GLY B 338 8.56 -17.68 16.43
N PHE B 339 7.48 -18.44 16.36
CA PHE B 339 6.35 -18.25 17.26
C PHE B 339 6.45 -19.35 18.33
N SER B 340 6.07 -19.02 19.56
CA SER B 340 6.08 -19.98 20.69
C SER B 340 5.02 -19.65 21.71
N LYS B 341 4.49 -20.70 22.32
CA LYS B 341 3.45 -20.63 23.35
C LYS B 341 4.03 -20.07 24.65
N ASP B 342 5.34 -20.19 24.81
CA ASP B 342 6.01 -19.75 26.03
C ASP B 342 6.80 -18.42 25.96
N SER B 343 7.16 -17.99 24.74
CA SER B 343 7.90 -16.76 24.52
C SER B 343 7.00 -15.63 24.03
N GLU B 344 7.51 -14.40 24.03
CA GLU B 344 6.80 -13.20 23.56
C GLU B 344 6.64 -13.30 22.01
N SER B 345 7.37 -14.23 21.41
CA SER B 345 7.36 -14.48 19.97
C SER B 345 7.77 -13.30 19.08
N LYS B 346 8.86 -12.64 19.42
CA LYS B 346 9.32 -11.53 18.61
C LYS B 346 9.78 -12.20 17.30
N ILE B 347 9.40 -11.57 16.20
CA ILE B 347 9.69 -12.10 14.89
C ILE B 347 10.71 -11.21 14.16
N SER B 348 11.78 -11.83 13.70
CA SER B 348 12.83 -11.15 12.98
C SER B 348 12.31 -10.96 11.57
N ARG B 349 12.99 -10.11 10.82
CA ARG B 349 12.64 -9.78 9.44
C ARG B 349 12.75 -11.02 8.54
N GLU B 350 13.68 -11.90 8.85
CA GLU B 350 13.84 -13.10 8.06
C GLU B 350 12.55 -13.90 8.24
N ASP B 351 12.17 -14.13 9.48
CA ASP B 351 10.95 -14.89 9.72
C ASP B 351 9.70 -14.18 9.15
N PHE B 352 9.62 -12.85 9.35
CA PHE B 352 8.49 -12.08 8.86
C PHE B 352 8.29 -12.37 7.36
N MET B 353 9.37 -12.25 6.60
CA MET B 353 9.29 -12.51 5.18
C MET B 353 8.77 -13.91 4.81
N SER B 354 9.33 -14.95 5.43
CA SER B 354 8.88 -16.30 5.09
C SER B 354 7.50 -16.49 5.67
N GLY B 355 7.20 -15.73 6.70
CA GLY B 355 5.86 -15.78 7.24
C GLY B 355 4.87 -15.24 6.20
N VAL B 356 5.21 -14.23 5.37
CA VAL B 356 4.20 -13.79 4.42
C VAL B 356 4.15 -14.75 3.24
N LYS B 357 5.28 -15.32 2.84
CA LYS B 357 5.30 -16.28 1.74
C LYS B 357 4.35 -17.42 2.11
N LEU B 358 4.27 -17.70 3.40
CA LEU B 358 3.45 -18.78 3.94
C LEU B 358 1.99 -18.46 4.17
N SER B 359 1.64 -17.18 4.18
CA SER B 359 0.29 -16.78 4.47
C SER B 359 -0.54 -16.52 3.24
N VAL B 360 0.13 -16.32 2.11
CA VAL B 360 -0.56 -16.09 0.87
C VAL B 360 0.02 -17.07 -0.14
N PRO B 361 -0.13 -18.38 0.18
CA PRO B 361 0.31 -19.58 -0.54
C PRO B 361 0.08 -19.62 -2.06
N HIS B 362 -0.89 -18.85 -2.53
CA HIS B 362 -1.26 -18.81 -3.93
C HIS B 362 -0.69 -17.60 -4.64
N ALA B 363 0.08 -16.77 -3.92
CA ALA B 363 0.60 -15.55 -4.54
C ALA B 363 1.96 -15.69 -5.16
N ASN B 364 2.22 -14.82 -6.14
CA ASN B 364 3.50 -14.75 -6.84
C ASN B 364 4.41 -13.73 -6.14
N ASP B 365 5.62 -13.53 -6.68
CA ASP B 365 6.58 -12.58 -6.14
C ASP B 365 6.00 -11.17 -5.98
N LEU B 366 5.34 -10.68 -7.03
CA LEU B 366 4.75 -9.35 -6.99
C LEU B 366 3.71 -9.27 -5.88
N GLY B 367 2.87 -10.29 -5.82
CA GLY B 367 1.85 -10.39 -4.80
C GLY B 367 2.52 -10.34 -3.45
N LEU B 368 3.55 -11.16 -3.24
CA LEU B 368 4.25 -11.17 -1.96
C LEU B 368 4.84 -9.80 -1.61
N ASP B 369 5.39 -9.10 -2.60
CA ASP B 369 5.95 -7.77 -2.38
C ASP B 369 4.83 -6.82 -1.95
N ALA B 370 3.65 -6.99 -2.53
CA ALA B 370 2.53 -6.13 -2.19
C ALA B 370 2.12 -6.31 -0.71
N VAL B 371 2.00 -7.56 -0.28
CA VAL B 371 1.60 -7.87 1.08
C VAL B 371 2.65 -7.32 2.03
N THR B 372 3.90 -7.66 1.72
CA THR B 372 5.01 -7.21 2.54
C THR B 372 5.01 -5.74 2.71
N LEU B 373 4.96 -5.01 1.61
CA LEU B 373 4.97 -3.57 1.70
C LEU B 373 3.76 -3.04 2.44
N GLN B 374 2.63 -3.72 2.34
CA GLN B 374 1.45 -3.20 2.99
C GLN B 374 1.48 -3.33 4.55
N TYR B 375 2.23 -4.30 5.07
CA TYR B 375 2.28 -4.53 6.51
C TYR B 375 3.65 -4.30 7.18
N THR B 376 4.53 -3.57 6.53
CA THR B 376 5.86 -3.29 7.10
C THR B 376 5.98 -1.79 7.43
N ASP B 377 6.43 -1.42 8.64
CA ASP B 377 6.65 -0.01 8.98
C ASP B 377 8.11 0.16 8.53
N TRP B 378 8.35 0.92 7.46
CA TRP B 378 9.71 1.03 6.96
C TRP B 378 10.69 1.88 7.75
N MET B 379 10.16 2.49 8.81
CA MET B 379 10.99 3.28 9.72
C MET B 379 11.55 2.33 10.78
N ASP B 380 10.87 1.22 10.97
CA ASP B 380 11.23 0.29 12.01
C ASP B 380 10.99 -1.18 11.59
N ASP B 381 11.60 -1.59 10.48
CA ASP B 381 11.42 -2.92 9.93
C ASP B 381 11.95 -4.15 10.66
N ASN B 382 12.86 -3.97 11.61
CA ASN B 382 13.44 -5.08 12.37
C ASN B 382 12.88 -5.09 13.80
N ASN B 383 11.70 -4.52 13.97
CA ASN B 383 11.07 -4.52 15.29
C ASN B 383 10.32 -5.86 15.36
N GLY B 384 10.68 -6.67 16.36
CA GLY B 384 10.09 -7.98 16.54
C GLY B 384 8.60 -8.05 16.85
N ILE B 385 8.12 -7.13 17.68
CA ILE B 385 6.73 -7.04 18.05
C ILE B 385 5.95 -6.58 16.80
N LYS B 386 6.43 -5.53 16.14
CA LYS B 386 5.71 -5.06 14.97
C LYS B 386 5.61 -6.14 13.90
N ASN B 387 6.64 -6.98 13.78
CA ASN B 387 6.61 -8.03 12.77
C ASN B 387 5.69 -9.18 13.19
N ARG B 388 5.64 -9.45 14.50
CA ARG B 388 4.79 -10.51 15.00
C ARG B 388 3.32 -10.13 14.74
N ASP B 389 2.97 -8.95 15.27
CA ASP B 389 1.66 -8.37 15.14
C ASP B 389 1.20 -8.11 13.70
N GLY B 390 2.15 -7.86 12.80
CA GLY B 390 1.83 -7.63 11.39
C GLY B 390 1.52 -8.94 10.68
N LEU B 391 2.18 -10.00 11.10
CA LEU B 391 1.95 -11.31 10.53
C LEU B 391 0.58 -11.79 11.04
N ASP B 392 0.29 -11.48 12.31
CA ASP B 392 -0.99 -11.85 12.91
C ASP B 392 -2.08 -11.21 12.07
N ASP B 393 -1.98 -9.90 11.84
CA ASP B 393 -2.97 -9.21 11.03
C ASP B 393 -3.06 -9.77 9.60
N ILE B 394 -1.93 -10.16 9.02
CA ILE B 394 -1.96 -10.66 7.67
C ILE B 394 -2.83 -11.89 7.55
N VAL B 395 -2.60 -12.83 8.46
CA VAL B 395 -3.33 -14.05 8.51
C VAL B 395 -4.81 -13.81 8.81
N GLY B 396 -5.08 -12.99 9.82
CA GLY B 396 -6.46 -12.70 10.18
C GLY B 396 -7.19 -11.94 9.10
N ASP B 397 -6.54 -10.93 8.52
CA ASP B 397 -7.20 -10.14 7.50
C ASP B 397 -7.53 -10.93 6.25
N HIS B 398 -6.54 -11.67 5.75
CA HIS B 398 -6.68 -12.48 4.55
C HIS B 398 -7.69 -13.65 4.65
N ASN B 399 -7.60 -14.41 5.74
CA ASN B 399 -8.40 -15.59 5.96
C ASN B 399 -9.78 -15.44 6.58
N VAL B 400 -9.91 -14.52 7.53
CA VAL B 400 -11.16 -14.34 8.23
C VAL B 400 -11.83 -12.99 8.02
N ILE B 401 -11.21 -11.92 8.52
CA ILE B 401 -11.83 -10.59 8.44
C ILE B 401 -12.23 -9.99 7.09
N CYS B 402 -11.30 -9.85 6.17
CA CYS B 402 -11.70 -9.27 4.89
C CYS B 402 -12.67 -10.15 4.09
N PRO B 403 -12.50 -11.48 4.12
CA PRO B 403 -13.48 -12.25 3.35
C PRO B 403 -14.84 -12.01 3.97
N LEU B 404 -14.88 -11.93 5.30
CA LEU B 404 -16.18 -11.70 5.96
C LEU B 404 -16.76 -10.31 5.62
N MET B 405 -15.92 -9.30 5.51
CA MET B 405 -16.40 -7.96 5.22
C MET B 405 -16.85 -7.90 3.78
N HIS B 406 -16.25 -8.73 2.94
CA HIS B 406 -16.63 -8.75 1.55
C HIS B 406 -18.07 -9.32 1.52
N PHE B 407 -18.29 -10.41 2.26
CA PHE B 407 -19.60 -11.03 2.35
C PHE B 407 -20.61 -10.09 3.01
N VAL B 408 -20.24 -9.46 4.11
CA VAL B 408 -21.18 -8.55 4.78
C VAL B 408 -21.61 -7.44 3.80
N ASN B 409 -20.65 -6.85 3.10
CA ASN B 409 -21.03 -5.82 2.15
C ASN B 409 -21.92 -6.33 0.99
N LYS B 410 -21.57 -7.45 0.37
CA LYS B 410 -22.36 -8.01 -0.73
C LYS B 410 -23.80 -8.38 -0.32
N TYR B 411 -23.90 -9.07 0.79
CA TYR B 411 -25.15 -9.52 1.30
C TYR B 411 -26.13 -8.40 1.68
N THR B 412 -25.59 -7.33 2.25
CA THR B 412 -26.41 -6.24 2.73
C THR B 412 -27.15 -5.53 1.61
N LYS B 413 -26.58 -5.59 0.42
CA LYS B 413 -27.23 -5.00 -0.74
C LYS B 413 -28.66 -5.61 -0.91
N PHE B 414 -28.85 -6.85 -0.48
CA PHE B 414 -30.12 -7.57 -0.66
C PHE B 414 -30.78 -8.08 0.62
N GLY B 415 -30.01 -8.21 1.69
CA GLY B 415 -30.54 -8.78 2.90
C GLY B 415 -31.67 -7.98 3.50
N ASN B 416 -32.19 -8.46 4.62
CA ASN B 416 -33.28 -7.80 5.30
C ASN B 416 -32.84 -7.28 6.66
N GLY B 417 -31.52 -7.20 6.86
CA GLY B 417 -31.03 -6.66 8.11
C GLY B 417 -29.69 -7.27 8.44
N THR B 418 -28.69 -6.41 8.69
CA THR B 418 -27.37 -6.87 9.04
C THR B 418 -26.84 -6.25 10.33
N TYR B 419 -26.32 -7.08 11.21
CA TYR B 419 -25.71 -6.66 12.47
C TYR B 419 -24.29 -7.22 12.51
N LEU B 420 -23.32 -6.31 12.55
CA LEU B 420 -21.90 -6.64 12.54
C LEU B 420 -21.21 -6.32 13.88
N TYR B 421 -20.34 -7.20 14.34
CA TYR B 421 -19.62 -6.98 15.61
C TYR B 421 -18.12 -7.26 15.50
N PHE B 422 -17.37 -6.63 16.41
CA PHE B 422 -15.94 -6.81 16.53
C PHE B 422 -15.72 -7.19 18.00
N PHE B 423 -15.37 -8.45 18.24
CA PHE B 423 -15.16 -8.93 19.59
C PHE B 423 -13.70 -8.75 19.95
N ASN B 424 -13.43 -7.91 20.95
CA ASN B 424 -12.06 -7.66 21.34
C ASN B 424 -11.74 -7.79 22.80
N HIS B 425 -12.44 -8.68 23.49
CA HIS B 425 -12.20 -8.90 24.89
C HIS B 425 -11.33 -10.13 25.11
N ARG B 426 -10.27 -9.94 25.86
CA ARG B 426 -9.28 -10.96 26.22
C ARG B 426 -9.66 -11.50 27.60
N ALA B 427 -10.26 -12.70 27.65
CA ALA B 427 -10.70 -13.27 28.92
C ALA B 427 -9.60 -13.19 29.97
N SER B 428 -10.01 -13.03 31.23
CA SER B 428 -9.04 -12.92 32.32
C SER B 428 -8.34 -14.23 32.67
N ASN B 429 -8.99 -15.35 32.36
CA ASN B 429 -8.46 -16.69 32.65
C ASN B 429 -7.87 -17.37 31.40
N LEU B 430 -7.71 -16.65 30.30
CA LEU B 430 -7.17 -17.25 29.08
C LEU B 430 -5.83 -17.97 29.38
N VAL B 431 -5.74 -19.25 29.03
CA VAL B 431 -4.52 -20.01 29.27
C VAL B 431 -3.46 -19.82 28.21
N TRP B 432 -3.79 -19.17 27.10
CA TRP B 432 -2.80 -18.94 26.05
C TRP B 432 -2.01 -17.67 26.36
N PRO B 433 -0.78 -17.55 25.82
CA PRO B 433 0.04 -16.37 26.06
C PRO B 433 -0.63 -15.08 25.56
N GLU B 434 -0.45 -14.04 26.35
CA GLU B 434 -1.01 -12.73 26.09
C GLU B 434 -0.73 -12.17 24.72
N TRP B 435 0.44 -12.46 24.15
CA TRP B 435 0.72 -11.90 22.85
C TRP B 435 -0.27 -12.38 21.82
N MET B 436 -0.91 -13.50 22.09
CA MET B 436 -1.88 -14.00 21.14
C MET B 436 -3.16 -13.18 21.11
N GLY B 437 -3.35 -12.29 22.09
CA GLY B 437 -4.53 -11.44 22.09
C GLY B 437 -5.89 -12.09 22.18
N VAL B 438 -6.84 -11.61 21.38
CA VAL B 438 -8.22 -12.16 21.36
C VAL B 438 -8.27 -13.21 20.23
N ILE B 439 -8.03 -14.43 20.64
CA ILE B 439 -7.93 -15.59 19.76
C ILE B 439 -9.19 -16.13 19.06
N HIS B 440 -8.91 -16.67 17.89
CA HIS B 440 -9.89 -17.28 17.00
C HIS B 440 -10.54 -18.39 17.82
N GLY B 441 -11.85 -18.34 17.99
CA GLY B 441 -12.53 -19.36 18.75
C GLY B 441 -12.92 -18.96 20.18
N TYR B 442 -12.30 -17.90 20.71
CA TYR B 442 -12.55 -17.60 22.09
C TYR B 442 -13.63 -16.65 22.44
N GLU B 443 -14.50 -16.38 21.48
CA GLU B 443 -15.65 -15.56 21.77
C GLU B 443 -16.75 -16.59 22.11
N ILE B 444 -16.54 -17.84 21.65
CA ILE B 444 -17.50 -18.92 21.86
C ILE B 444 -17.92 -19.20 23.31
N GLU B 445 -16.95 -19.22 24.21
CA GLU B 445 -17.25 -19.47 25.63
C GLU B 445 -18.16 -18.38 26.21
N PHE B 446 -18.20 -17.20 25.59
CA PHE B 446 -19.07 -16.13 26.07
C PHE B 446 -20.44 -16.34 25.46
N VAL B 447 -20.46 -16.68 24.16
CA VAL B 447 -21.72 -16.99 23.48
C VAL B 447 -22.49 -18.09 24.23
N PHE B 448 -21.76 -19.09 24.75
CA PHE B 448 -22.36 -20.23 25.46
C PHE B 448 -22.50 -20.07 26.98
N GLY B 449 -22.24 -18.85 27.47
CA GLY B 449 -22.42 -18.52 28.88
C GLY B 449 -21.50 -19.13 29.92
N LEU B 450 -20.36 -19.65 29.50
CA LEU B 450 -19.47 -20.25 30.46
C LEU B 450 -19.10 -19.29 31.58
N PRO B 451 -19.08 -17.98 31.30
CA PRO B 451 -18.74 -17.05 32.36
C PRO B 451 -19.75 -17.03 33.52
N LEU B 452 -20.96 -17.53 33.27
CA LEU B 452 -21.98 -17.54 34.34
C LEU B 452 -21.65 -18.56 35.45
N VAL B 453 -20.75 -19.50 35.18
CA VAL B 453 -20.41 -20.51 36.16
C VAL B 453 -19.18 -20.13 36.95
N LYS B 454 -19.41 -19.81 38.22
CA LYS B 454 -18.33 -19.35 39.09
C LYS B 454 -17.08 -20.19 39.14
N GLU B 455 -17.21 -21.50 39.13
CA GLU B 455 -16.00 -22.33 39.20
C GLU B 455 -15.01 -22.03 38.07
N LEU B 456 -15.50 -21.45 36.97
CA LEU B 456 -14.64 -21.16 35.83
C LEU B 456 -13.78 -19.91 35.99
N ASN B 457 -14.02 -19.22 37.10
CA ASN B 457 -13.27 -18.04 37.49
C ASN B 457 -13.22 -16.84 36.53
N TYR B 458 -14.32 -16.48 35.89
CA TYR B 458 -14.25 -15.28 35.07
C TYR B 458 -14.55 -14.13 36.04
N THR B 459 -14.30 -12.90 35.60
CA THR B 459 -14.59 -11.77 36.48
C THR B 459 -16.09 -11.45 36.42
N ALA B 460 -16.52 -10.54 37.30
CA ALA B 460 -17.92 -10.16 37.33
C ALA B 460 -18.37 -9.53 36.01
N GLU B 461 -17.46 -8.78 35.38
CA GLU B 461 -17.77 -8.11 34.11
C GLU B 461 -17.79 -9.06 32.93
N GLU B 462 -17.06 -10.17 33.02
CA GLU B 462 -17.09 -11.14 31.94
C GLU B 462 -18.46 -11.85 31.99
N GLU B 463 -18.99 -12.08 33.20
CA GLU B 463 -20.33 -12.65 33.31
C GLU B 463 -21.30 -11.63 32.67
N ALA B 464 -21.17 -10.38 33.06
CA ALA B 464 -22.06 -9.36 32.48
C ALA B 464 -21.92 -9.39 30.97
N LEU B 465 -20.69 -9.48 30.46
CA LEU B 465 -20.47 -9.49 29.00
C LEU B 465 -21.16 -10.68 28.32
N SER B 466 -21.00 -11.87 28.93
CA SER B 466 -21.60 -13.07 28.40
C SER B 466 -23.12 -12.94 28.36
N ARG B 467 -23.68 -12.34 29.40
CA ARG B 467 -25.13 -12.18 29.46
C ARG B 467 -25.67 -11.29 28.38
N ARG B 468 -24.99 -10.19 28.03
CA ARG B 468 -25.60 -9.42 26.93
C ARG B 468 -25.32 -10.02 25.59
N ILE B 469 -24.24 -10.80 25.47
CA ILE B 469 -23.90 -11.47 24.21
C ILE B 469 -25.01 -12.50 23.94
N MET B 470 -25.31 -13.34 24.93
CA MET B 470 -26.38 -14.33 24.78
C MET B 470 -27.74 -13.66 24.48
N HIS B 471 -28.07 -12.60 25.25
CA HIS B 471 -29.36 -11.94 25.05
C HIS B 471 -29.43 -11.30 23.67
N TYR B 472 -28.30 -10.81 23.14
CA TYR B 472 -28.27 -10.26 21.79
C TYR B 472 -28.56 -11.39 20.80
N TRP B 473 -27.85 -12.51 20.99
CA TRP B 473 -27.95 -13.67 20.13
C TRP B 473 -29.35 -14.27 20.15
N ALA B 474 -29.88 -14.50 21.35
CA ALA B 474 -31.23 -15.08 21.51
C ALA B 474 -32.30 -14.13 20.98
N THR B 475 -32.19 -12.86 21.37
CA THR B 475 -33.12 -11.85 20.88
C THR B 475 -33.03 -11.76 19.35
N PHE B 476 -31.82 -11.77 18.82
CA PHE B 476 -31.68 -11.71 17.36
C PHE B 476 -32.40 -12.94 16.78
N ALA B 477 -32.20 -14.10 17.41
CA ALA B 477 -32.83 -15.36 16.94
C ALA B 477 -34.37 -15.26 16.94
N LYS B 478 -34.91 -14.69 18.01
CA LYS B 478 -36.35 -14.54 18.10
C LYS B 478 -36.96 -13.47 17.20
N THR B 479 -36.25 -12.39 16.94
CA THR B 479 -36.85 -11.26 16.20
C THR B 479 -36.21 -10.68 14.98
N GLY B 480 -34.96 -11.04 14.72
CA GLY B 480 -34.25 -10.50 13.57
C GLY B 480 -33.49 -9.25 13.96
N ASN B 481 -33.56 -8.87 15.24
CA ASN B 481 -32.93 -7.65 15.74
C ASN B 481 -32.42 -7.95 17.15
N PRO B 482 -31.12 -7.76 17.38
CA PRO B 482 -30.41 -7.99 18.64
C PRO B 482 -30.90 -7.15 19.83
N ASN B 483 -31.53 -6.03 19.50
CA ASN B 483 -32.00 -5.08 20.50
C ASN B 483 -33.44 -5.30 20.86
N GLU B 484 -33.79 -5.12 22.13
CA GLU B 484 -35.19 -5.20 22.56
C GLU B 484 -35.70 -3.78 22.29
N PRO B 485 -36.83 -3.64 21.57
CA PRO B 485 -37.44 -2.34 21.23
C PRO B 485 -37.15 -1.15 22.16
N SER B 490 -29.36 0.74 25.33
CA SER B 490 -28.18 1.11 24.51
C SER B 490 -28.14 0.28 23.19
N LYS B 491 -28.32 0.96 22.05
CA LYS B 491 -28.48 0.31 20.75
C LYS B 491 -27.38 -0.08 19.73
N TRP B 492 -27.40 -1.35 19.35
CA TRP B 492 -26.47 -1.92 18.37
C TRP B 492 -27.18 -1.54 17.09
N PRO B 493 -26.57 -0.67 16.26
CA PRO B 493 -27.20 -0.24 15.02
C PRO B 493 -27.05 -1.21 13.86
N LEU B 494 -27.96 -1.08 12.92
CA LEU B 494 -27.98 -1.86 11.73
C LEU B 494 -26.77 -1.46 10.90
N PHE B 495 -26.23 -2.42 10.17
CA PHE B 495 -25.13 -2.15 9.29
C PHE B 495 -25.74 -1.89 7.88
N THR B 496 -25.46 -0.72 7.33
CA THR B 496 -25.97 -0.34 6.01
C THR B 496 -24.82 -0.11 5.03
N THR B 497 -24.99 -0.47 3.77
CA THR B 497 -23.89 -0.23 2.87
C THR B 497 -23.40 1.24 2.88
N LYS B 498 -24.25 2.19 3.26
CA LYS B 498 -23.74 3.57 3.29
C LYS B 498 -22.97 3.82 4.58
N GLU B 499 -23.57 3.52 5.71
CA GLU B 499 -22.94 3.82 6.99
C GLU B 499 -21.89 2.84 7.46
N GLN B 500 -22.14 1.55 7.22
CA GLN B 500 -21.20 0.48 7.59
C GLN B 500 -20.83 0.40 9.09
N LYS B 501 -21.80 0.62 9.97
CA LYS B 501 -21.55 0.59 11.39
C LYS B 501 -21.48 -0.80 12.00
N PHE B 502 -20.82 -0.86 13.15
CA PHE B 502 -20.67 -2.08 13.88
C PHE B 502 -20.27 -1.67 15.30
N ILE B 503 -20.41 -2.60 16.23
CA ILE B 503 -20.09 -2.30 17.60
C ILE B 503 -18.93 -3.18 18.03
N ASP B 504 -18.32 -2.79 19.15
CA ASP B 504 -17.23 -3.55 19.75
C ASP B 504 -17.98 -4.41 20.73
N LEU B 505 -17.42 -5.54 21.12
CA LEU B 505 -18.07 -6.40 22.08
C LEU B 505 -17.00 -6.64 23.13
N ASN B 506 -17.13 -5.97 24.27
CA ASN B 506 -16.19 -6.08 25.39
C ASN B 506 -16.88 -5.64 26.66
N THR B 507 -16.16 -5.59 27.77
CA THR B 507 -16.75 -5.19 29.07
C THR B 507 -17.09 -3.71 29.10
N GLU B 508 -16.26 -2.88 28.51
CA GLU B 508 -16.57 -1.46 28.46
C GLU B 508 -17.91 -1.21 27.74
N PRO B 509 -18.41 0.05 27.83
CA PRO B 509 -19.65 0.55 27.23
C PRO B 509 -19.58 0.54 25.70
N MET B 510 -20.68 0.20 25.06
CA MET B 510 -20.74 0.10 23.63
C MET B 510 -20.22 1.30 22.87
N LYS B 511 -19.50 1.02 21.79
CA LYS B 511 -18.94 2.07 20.96
C LYS B 511 -19.33 1.64 19.58
N VAL B 512 -19.82 2.58 18.81
CA VAL B 512 -20.20 2.32 17.43
C VAL B 512 -19.06 2.86 16.56
N HIS B 513 -18.63 2.09 15.58
CA HIS B 513 -17.54 2.50 14.70
C HIS B 513 -18.11 2.28 13.31
N GLN B 514 -17.30 2.62 12.31
CA GLN B 514 -17.65 2.48 10.91
C GLN B 514 -16.51 1.86 10.08
N ARG B 515 -16.87 1.15 9.01
CA ARG B 515 -15.90 0.53 8.10
C ARG B 515 -14.81 -0.33 8.74
N LEU B 516 -15.19 -1.46 9.33
CA LEU B 516 -14.22 -2.36 9.96
C LEU B 516 -13.09 -2.76 8.98
N ARG B 517 -11.87 -2.39 9.36
CA ARG B 517 -10.64 -2.64 8.60
C ARG B 517 -10.68 -2.39 7.08
N VAL B 518 -11.32 -1.26 6.72
CA VAL B 518 -11.47 -0.84 5.33
C VAL B 518 -10.15 -0.82 4.61
N GLN B 519 -9.19 -0.09 5.16
CA GLN B 519 -7.89 0.07 4.50
C GLN B 519 -7.33 -1.28 4.05
N MET B 520 -7.05 -2.13 5.02
CA MET B 520 -6.50 -3.43 4.72
C MET B 520 -7.43 -4.32 3.88
N CYS B 521 -8.74 -4.17 4.06
CA CYS B 521 -9.68 -4.99 3.31
C CYS B 521 -9.87 -4.54 1.85
N VAL B 522 -9.68 -3.24 1.59
CA VAL B 522 -9.71 -2.79 0.22
C VAL B 522 -8.49 -3.45 -0.45
N PHE B 523 -7.38 -3.54 0.28
CA PHE B 523 -6.20 -4.20 -0.26
C PHE B 523 -6.50 -5.69 -0.57
N TRP B 524 -6.98 -6.43 0.42
CA TRP B 524 -7.30 -7.82 0.15
C TRP B 524 -8.48 -8.13 -0.80
N ASN B 525 -9.54 -7.32 -0.77
CA ASN B 525 -10.69 -7.61 -1.59
C ASN B 525 -10.69 -7.02 -3.00
N GLN B 526 -10.16 -5.81 -3.15
CA GLN B 526 -10.15 -5.17 -4.44
C GLN B 526 -8.78 -5.26 -5.11
N PHE B 527 -7.77 -4.69 -4.45
CA PHE B 527 -6.44 -4.62 -5.02
C PHE B 527 -5.61 -5.85 -5.28
N LEU B 528 -5.43 -6.71 -4.28
CA LEU B 528 -4.55 -7.86 -4.45
C LEU B 528 -5.00 -8.85 -5.52
N PRO B 529 -6.31 -9.13 -5.58
CA PRO B 529 -6.91 -10.04 -6.57
C PRO B 529 -6.67 -9.52 -7.97
N LYS B 530 -6.73 -8.20 -8.13
CA LYS B 530 -6.50 -7.55 -9.42
C LYS B 530 -5.04 -7.81 -9.81
N LEU B 531 -4.14 -7.69 -8.85
CA LEU B 531 -2.71 -7.90 -9.06
C LEU B 531 -2.31 -9.33 -9.46
N LEU B 532 -2.93 -10.31 -8.81
CA LEU B 532 -2.64 -11.71 -9.10
C LEU B 532 -3.25 -12.12 -10.44
N ASN B 533 -4.29 -11.40 -10.84
CA ASN B 533 -4.97 -11.63 -12.09
C ASN B 533 -4.05 -11.29 -13.26
N ALA B 534 -3.57 -10.05 -13.28
CA ALA B 534 -2.68 -9.56 -14.33
C ALA B 534 -1.37 -10.34 -14.44
N THR B 535 -0.82 -10.74 -13.31
CA THR B 535 0.44 -11.49 -13.29
C THR B 535 0.19 -13.01 -13.23
C1 NAG C . 27.93 49.52 -21.29
C2 NAG C . 28.32 50.99 -21.45
C3 NAG C . 27.31 51.85 -20.64
C4 NAG C . 25.91 51.62 -21.21
C5 NAG C . 25.59 50.12 -21.04
C6 NAG C . 24.17 49.69 -21.47
C7 NAG C . 30.68 51.32 -21.91
C8 NAG C . 32.00 51.91 -21.41
N2 NAG C . 29.70 51.19 -21.00
O3 NAG C . 27.65 53.25 -20.69
O4 NAG C . 24.93 52.44 -20.57
O5 NAG C . 26.58 49.33 -21.77
O6 NAG C . 23.98 49.71 -22.88
O7 NAG C . 30.57 51.01 -23.09
C1 NAG D . 36.84 10.02 1.30
C2 NAG D . 36.53 9.34 2.64
C3 NAG D . 37.80 9.33 3.50
C4 NAG D . 38.95 8.65 2.73
C5 NAG D . 39.15 9.23 1.31
C6 NAG D . 40.08 8.32 0.49
C7 NAG D . 34.20 9.66 3.28
C8 NAG D . 33.19 10.43 4.11
N2 NAG D . 35.48 10.07 3.35
O3 NAG D . 37.56 8.62 4.72
O4 NAG D . 40.15 8.81 3.47
O5 NAG D . 37.89 9.30 0.59
O6 NAG D . 40.54 8.94 -0.71
O7 NAG D . 33.84 8.70 2.58
C1 GNT E . 10.58 27.14 -13.07
C2 GNT E . 11.77 27.39 -12.44
C3 GNT E . 12.08 26.85 -11.02
C4 GNT E . 10.75 26.42 -10.23
C41 GNT E . 9.92 25.56 -11.19
C42 GNT E . 9.38 26.39 -12.38
O5 GNT E . 10.62 24.40 -11.78
C6 GNT E . 9.68 22.92 -13.54
C7 GNT E . 8.76 22.84 -14.62
C8 GNT E . 7.97 23.97 -14.97
C9 GNT E . 7.18 26.32 -14.76
N10 GNT E . 7.05 27.57 -14.34
C11 GNT E . 7.81 28.27 -13.25
C12 GNT E . 8.31 27.46 -12.02
C13 GNT E . 9.77 24.13 -12.87
C14 GNT E . 8.98 25.26 -13.23
C15 GNT E . 8.05 25.19 -14.30
C16 GNT E . 9.86 20.53 -13.05
O17 GNT E . 10.49 21.83 -13.08
O18 GNT E . 12.92 25.72 -11.24
C19 GNT E . 6.03 28.36 -15.00
C1 NAG F . -28.72 -44.85 29.20
C2 NAG F . -29.31 -45.49 30.45
C3 NAG F . -28.63 -44.85 31.66
C4 NAG F . -27.13 -45.05 31.59
C5 NAG F . -26.55 -44.61 30.21
C6 NAG F . -25.08 -45.02 29.99
C7 NAG F . -31.51 -46.41 30.53
C8 NAG F . -32.41 -46.56 31.73
N2 NAG F . -30.74 -45.33 30.49
O3 NAG F . -29.12 -45.46 32.85
O4 NAG F . -26.50 -44.30 32.64
O5 NAG F . -27.33 -45.19 29.13
O6 NAG F . -24.65 -46.00 30.93
O7 NAG F . -31.51 -47.28 29.63
C1 NAG G . -37.27 -6.16 5.64
C2 NAG G . -36.88 -4.68 5.55
C3 NAG G . -38.11 -3.79 5.69
C4 NAG G . -39.13 -4.18 4.61
C5 NAG G . -39.53 -5.64 4.78
C6 NAG G . -40.46 -6.03 3.61
C7 NAG G . -34.65 -4.04 6.31
C8 NAG G . -33.80 -3.59 7.49
N2 NAG G . -35.92 -4.35 6.60
O3 NAG G . -37.72 -2.42 5.54
O4 NAG G . -40.28 -3.35 4.66
O5 NAG G . -38.35 -6.49 4.71
O6 NAG G . -40.50 -7.45 3.39
O7 NAG G . -34.18 -4.09 5.18
C1 GNT H . -10.88 -25.62 15.81
C2 GNT H . -12.14 -25.30 16.20
C3 GNT H . -12.57 -23.83 16.44
C4 GNT H . -11.31 -22.85 16.67
C41 GNT H . -10.28 -23.17 15.53
C42 GNT H . -9.71 -24.59 15.70
O5 GNT H . -10.82 -23.08 14.16
C6 GNT H . -9.58 -23.75 12.10
C7 GNT H . -8.54 -24.60 11.60
C8 GNT H . -7.82 -25.46 12.48
C9 GNT H . -7.29 -26.48 14.68
N10 GNT H . -7.32 -26.79 15.96
C11 GNT H . -8.23 -26.27 17.00
C12 GNT H . -8.79 -24.81 16.92
C13 GNT H . -9.84 -23.83 13.48
C14 GNT H . -9.12 -24.71 14.36
C15 GNT H . -8.10 -25.53 13.88
C16 GNT H . -9.66 -22.13 10.27
O17 GNT H . -10.35 -22.85 11.30
O18 GNT H . -13.30 -23.50 15.24
C19 GNT H . -6.31 -27.74 16.39
#